data_2LN4
#
_entry.id   2LN4
#
_entity_poly.entity_id   1
_entity_poly.type   'polypeptide(L)'
_entity_poly.pdbx_seq_one_letter_code
;VTCDVLSFEAKGIAVNHSACALHCIALRKKGGSCQNGVCVCRN(NH2)
;
_entity_poly.pdbx_strand_id   A
#
# COMPACT_ATOMS: atom_id res chain seq x y z
N VAL A 1 3.22 8.30 2.48
CA VAL A 1 4.13 7.38 1.81
C VAL A 1 3.62 5.94 1.92
N THR A 2 2.89 5.65 2.99
CA THR A 2 2.34 4.32 3.20
C THR A 2 0.83 4.38 3.44
N CYS A 3 0.39 5.41 4.15
CA CYS A 3 -1.03 5.58 4.44
C CYS A 3 -1.70 6.46 3.39
N ASP A 4 -1.37 6.21 2.12
CA ASP A 4 -1.94 6.98 1.02
C ASP A 4 -2.99 6.16 0.27
N VAL A 5 -4.26 6.40 0.60
CA VAL A 5 -5.36 5.70 -0.04
C VAL A 5 -5.74 6.33 -1.37
N LEU A 6 -5.55 7.65 -1.46
CA LEU A 6 -5.85 8.38 -2.68
C LEU A 6 -5.14 7.78 -3.88
N SER A 7 -5.79 7.84 -5.04
CA SER A 7 -5.20 7.30 -6.27
C SER A 7 -5.34 8.29 -7.41
N PHE A 8 -4.50 8.12 -8.43
CA PHE A 8 -4.53 9.00 -9.60
C PHE A 8 -4.34 8.20 -10.88
N GLU A 9 -4.52 8.87 -12.02
CA GLU A 9 -4.38 8.23 -13.32
C GLU A 9 -2.91 8.03 -13.67
N ALA A 10 -2.36 6.88 -13.28
CA ALA A 10 -0.97 6.56 -13.54
C ALA A 10 -0.82 5.12 -14.05
N LYS A 11 -1.22 4.91 -15.31
CA LYS A 11 -1.13 3.59 -15.91
C LYS A 11 0.24 3.37 -16.55
N GLY A 12 1.14 2.75 -15.80
CA GLY A 12 2.48 2.49 -16.31
C GLY A 12 3.43 3.65 -16.06
N ILE A 13 3.15 4.42 -15.03
CA ILE A 13 3.98 5.57 -14.67
C ILE A 13 4.47 5.48 -13.23
N ALA A 14 5.73 5.82 -13.01
CA ALA A 14 6.31 5.78 -11.68
C ALA A 14 5.65 6.81 -10.76
N VAL A 15 4.90 6.31 -9.77
CA VAL A 15 4.22 7.18 -8.82
C VAL A 15 4.26 6.61 -7.41
N ASN A 16 4.37 7.50 -6.42
CA ASN A 16 4.43 7.07 -5.03
C ASN A 16 3.22 6.20 -4.68
N HIS A 17 3.49 5.04 -4.10
CA HIS A 17 2.42 4.11 -3.71
C HIS A 17 2.81 3.34 -2.45
N SER A 18 1.81 2.83 -1.75
CA SER A 18 2.03 2.07 -0.53
C SER A 18 2.79 0.78 -0.83
N ALA A 19 4.11 0.82 -0.72
CA ALA A 19 4.94 -0.34 -0.97
C ALA A 19 4.79 -1.38 0.14
N CYS A 20 4.71 -0.91 1.38
CA CYS A 20 4.55 -1.80 2.52
C CYS A 20 3.35 -2.71 2.35
N ALA A 21 2.27 -2.15 1.81
CA ALA A 21 1.05 -2.91 1.59
C ALA A 21 1.31 -4.11 0.67
N LEU A 22 1.56 -3.83 -0.60
CA LEU A 22 1.81 -4.87 -1.58
C LEU A 22 2.90 -5.82 -1.10
N HIS A 23 3.83 -5.28 -0.30
CA HIS A 23 4.92 -6.09 0.24
C HIS A 23 4.39 -7.18 1.15
N CYS A 24 3.76 -6.78 2.25
CA CYS A 24 3.21 -7.72 3.22
C CYS A 24 2.26 -8.70 2.52
N ILE A 25 1.43 -8.18 1.62
CA ILE A 25 0.47 -9.01 0.89
C ILE A 25 1.18 -10.11 0.11
N ALA A 26 1.93 -9.70 -0.91
CA ALA A 26 2.66 -10.65 -1.74
C ALA A 26 3.54 -11.56 -0.89
N LEU A 27 4.00 -11.05 0.25
CA LEU A 27 4.84 -11.82 1.15
C LEU A 27 4.06 -12.95 1.81
N ARG A 28 3.23 -12.59 2.78
CA ARG A 28 2.42 -13.58 3.49
C ARG A 28 1.13 -12.95 4.01
N LYS A 29 0.44 -12.21 3.15
CA LYS A 29 -0.80 -11.55 3.52
C LYS A 29 -1.69 -11.34 2.30
N LYS A 30 -2.81 -10.65 2.50
CA LYS A 30 -3.74 -10.38 1.42
C LYS A 30 -4.23 -8.94 1.46
N GLY A 31 -4.51 -8.45 2.67
CA GLY A 31 -4.97 -7.08 2.83
C GLY A 31 -3.93 -6.18 3.47
N GLY A 32 -4.23 -4.89 3.53
CA GLY A 32 -3.29 -3.95 4.13
C GLY A 32 -3.99 -2.74 4.73
N SER A 33 -3.37 -2.15 5.73
CA SER A 33 -3.95 -0.98 6.41
C SER A 33 -2.85 -0.17 7.10
N CYS A 34 -3.21 1.05 7.49
CA CYS A 34 -2.26 1.95 8.16
C CYS A 34 -2.86 2.50 9.45
N GLN A 35 -1.99 2.84 10.39
CA GLN A 35 -2.43 3.39 11.67
C GLN A 35 -1.42 4.41 12.20
N ASN A 36 -1.86 5.67 12.27
CA ASN A 36 -0.99 6.74 12.77
C ASN A 36 0.33 6.75 12.03
N GLY A 37 0.28 6.59 10.71
CA GLY A 37 1.49 6.58 9.90
C GLY A 37 2.29 5.32 10.09
N VAL A 38 1.65 4.27 10.60
CA VAL A 38 2.32 3.00 10.82
C VAL A 38 1.75 1.92 9.91
N CYS A 39 2.64 1.16 9.27
CA CYS A 39 2.23 0.10 8.37
C CYS A 39 1.64 -1.08 9.15
N VAL A 40 0.43 -1.48 8.78
CA VAL A 40 -0.25 -2.60 9.43
C VAL A 40 -0.81 -3.58 8.41
N CYS A 41 -0.43 -4.85 8.56
CA CYS A 41 -0.89 -5.89 7.65
C CYS A 41 -2.21 -6.49 8.14
N ARG A 42 -3.05 -6.90 7.19
CA ARG A 42 -4.33 -7.50 7.53
C ARG A 42 -4.77 -8.50 6.46
N ASN A 43 -5.82 -9.27 6.77
CA ASN A 43 -6.32 -10.26 5.84
C ASN A 43 -7.39 -9.66 4.92
N VAL A 1 7.43 7.71 7.48
CA VAL A 1 6.03 7.79 7.09
C VAL A 1 5.77 6.96 5.84
N THR A 2 4.60 6.32 5.80
CA THR A 2 4.23 5.48 4.67
C THR A 2 2.82 5.80 4.18
N CYS A 3 2.46 5.27 3.02
CA CYS A 3 1.14 5.51 2.45
C CYS A 3 0.88 7.01 2.27
N ASP A 4 1.92 7.72 1.82
CA ASP A 4 1.80 9.16 1.61
C ASP A 4 1.42 9.47 0.16
N VAL A 5 1.76 8.55 -0.74
CA VAL A 5 1.45 8.72 -2.16
C VAL A 5 0.02 8.32 -2.46
N LEU A 6 -0.93 8.94 -1.77
CA LEU A 6 -2.34 8.65 -1.97
C LEU A 6 -2.76 8.97 -3.40
N SER A 7 -3.53 8.05 -4.00
CA SER A 7 -4.00 8.23 -5.36
C SER A 7 -5.15 7.28 -5.67
N PHE A 8 -6.11 7.74 -6.47
CA PHE A 8 -7.26 6.93 -6.84
C PHE A 8 -6.92 6.00 -8.00
N GLU A 9 -5.95 6.41 -8.81
CA GLU A 9 -5.53 5.62 -9.96
C GLU A 9 -4.07 5.21 -9.83
N ALA A 10 -3.84 3.94 -9.53
CA ALA A 10 -2.49 3.42 -9.38
C ALA A 10 -2.26 2.21 -10.28
N LYS A 11 -2.34 2.42 -11.58
CA LYS A 11 -2.14 1.34 -12.54
C LYS A 11 -1.04 1.71 -13.54
N GLY A 12 -0.13 2.56 -13.12
CA GLY A 12 0.96 2.97 -13.98
C GLY A 12 1.13 4.48 -14.06
N ILE A 13 0.06 5.20 -13.71
CA ILE A 13 0.09 6.65 -13.73
C ILE A 13 0.71 7.21 -12.45
N ALA A 14 0.58 6.46 -11.37
CA ALA A 14 1.13 6.88 -10.08
C ALA A 14 2.62 6.60 -10.01
N VAL A 15 3.28 7.18 -9.02
CA VAL A 15 4.72 6.99 -8.83
C VAL A 15 5.06 6.70 -7.37
N ASN A 16 6.11 5.92 -7.17
CA ASN A 16 6.53 5.56 -5.82
C ASN A 16 5.42 4.83 -5.07
N HIS A 17 4.80 3.87 -5.73
CA HIS A 17 3.72 3.10 -5.14
C HIS A 17 4.15 2.52 -3.79
N SER A 18 3.17 2.23 -2.93
CA SER A 18 3.45 1.68 -1.61
C SER A 18 4.05 0.29 -1.72
N ALA A 19 5.34 0.18 -1.38
CA ALA A 19 6.04 -1.09 -1.44
C ALA A 19 5.64 -1.99 -0.28
N CYS A 20 5.42 -1.40 0.88
CA CYS A 20 5.02 -2.14 2.07
C CYS A 20 3.78 -3.00 1.80
N ALA A 21 2.85 -2.43 1.04
CA ALA A 21 1.62 -3.13 0.70
C ALA A 21 1.92 -4.42 -0.05
N LEU A 22 2.38 -4.29 -1.29
CA LEU A 22 2.71 -5.46 -2.11
C LEU A 22 3.63 -6.41 -1.37
N HIS A 23 4.45 -5.86 -0.48
CA HIS A 23 5.38 -6.67 0.30
C HIS A 23 4.63 -7.63 1.22
N CYS A 24 3.89 -7.07 2.17
CA CYS A 24 3.12 -7.89 3.11
C CYS A 24 2.22 -8.86 2.37
N ILE A 25 1.55 -8.37 1.33
CA ILE A 25 0.65 -9.20 0.55
C ILE A 25 1.37 -10.44 0.01
N ALA A 26 2.38 -10.22 -0.81
CA ALA A 26 3.16 -11.31 -1.39
C ALA A 26 3.77 -12.18 -0.30
N LEU A 27 4.08 -11.57 0.84
CA LEU A 27 4.67 -12.28 1.95
C LEU A 27 3.72 -13.34 2.50
N ARG A 28 2.60 -12.89 3.04
CA ARG A 28 1.60 -13.80 3.60
C ARG A 28 0.30 -13.06 3.93
N LYS A 29 -0.13 -12.19 3.00
CA LYS A 29 -1.35 -11.42 3.20
C LYS A 29 -2.12 -11.30 1.89
N LYS A 30 -3.39 -10.92 1.98
CA LYS A 30 -4.24 -10.75 0.81
C LYS A 30 -4.67 -9.30 0.64
N GLY A 31 -4.97 -8.65 1.76
CA GLY A 31 -5.38 -7.26 1.72
C GLY A 31 -4.27 -6.31 2.09
N GLY A 32 -4.55 -5.01 2.01
CA GLY A 32 -3.55 -4.01 2.34
C GLY A 32 -4.15 -2.63 2.53
N SER A 33 -4.14 -2.13 3.75
CA SER A 33 -4.69 -0.82 4.06
C SER A 33 -3.67 0.02 4.82
N CYS A 34 -4.07 1.26 5.15
CA CYS A 34 -3.20 2.17 5.89
C CYS A 34 -3.94 2.81 7.04
N GLN A 35 -3.30 2.85 8.21
CA GLN A 35 -3.91 3.44 9.39
C GLN A 35 -2.96 4.44 10.04
N ASN A 36 -3.48 5.63 10.35
CA ASN A 36 -2.67 6.68 10.97
C ASN A 36 -1.43 6.98 10.14
N GLY A 37 -1.60 7.07 8.83
CA GLY A 37 -0.48 7.34 7.94
C GLY A 37 0.57 6.24 7.99
N VAL A 38 0.17 5.06 8.47
CA VAL A 38 1.09 3.93 8.55
C VAL A 38 0.57 2.75 7.74
N CYS A 39 1.49 1.97 7.17
CA CYS A 39 1.13 0.80 6.38
C CYS A 39 0.64 -0.33 7.26
N VAL A 40 -0.56 -0.82 6.98
CA VAL A 40 -1.15 -1.91 7.75
C VAL A 40 -1.80 -2.94 6.83
N CYS A 41 -1.14 -4.09 6.67
CA CYS A 41 -1.65 -5.15 5.83
C CYS A 41 -2.62 -6.04 6.60
N ARG A 42 -3.74 -6.35 5.97
CA ARG A 42 -4.76 -7.19 6.59
C ARG A 42 -5.21 -8.31 5.65
N ASN A 43 -6.01 -9.24 6.17
CA ASN A 43 -6.50 -10.35 5.37
C ASN A 43 -7.48 -9.87 4.30
N VAL A 1 5.03 9.17 0.27
CA VAL A 1 5.18 7.95 -0.53
C VAL A 1 4.70 6.73 0.25
N THR A 2 4.73 6.82 1.57
CA THR A 2 4.29 5.72 2.42
C THR A 2 2.84 5.35 2.15
N CYS A 3 1.93 6.26 2.50
CA CYS A 3 0.51 6.03 2.29
C CYS A 3 0.13 6.22 0.82
N ASP A 4 0.96 6.98 0.10
CA ASP A 4 0.71 7.23 -1.31
C ASP A 4 -0.62 7.95 -1.52
N VAL A 5 -1.06 8.68 -0.49
CA VAL A 5 -2.31 9.42 -0.55
C VAL A 5 -2.06 10.89 -0.91
N LEU A 6 -1.17 11.11 -1.87
CA LEU A 6 -0.85 12.47 -2.31
C LEU A 6 -1.61 12.82 -3.58
N SER A 7 -2.75 12.18 -3.78
CA SER A 7 -3.56 12.41 -4.97
C SER A 7 -4.91 11.72 -4.85
N PHE A 8 -5.89 12.18 -5.62
CA PHE A 8 -7.23 11.61 -5.60
C PHE A 8 -7.53 10.92 -6.93
N GLU A 9 -6.92 11.39 -8.00
CA GLU A 9 -7.13 10.82 -9.33
C GLU A 9 -5.97 9.91 -9.72
N ALA A 10 -5.75 8.86 -8.93
CA ALA A 10 -4.67 7.92 -9.20
C ALA A 10 -4.93 6.57 -8.53
N LYS A 11 -5.30 5.58 -9.34
CA LYS A 11 -5.58 4.24 -8.84
C LYS A 11 -4.69 3.20 -9.50
N GLY A 12 -3.55 2.93 -8.88
CA GLY A 12 -2.62 1.95 -9.42
C GLY A 12 -2.08 2.36 -10.78
N ILE A 13 -0.97 3.10 -10.78
CA ILE A 13 -0.36 3.55 -12.01
C ILE A 13 1.14 3.27 -12.02
N ALA A 14 1.88 4.04 -11.22
CA ALA A 14 3.32 3.88 -11.12
C ALA A 14 3.68 2.48 -10.63
N VAL A 15 4.87 2.02 -11.00
CA VAL A 15 5.35 0.70 -10.60
C VAL A 15 5.98 0.74 -9.21
N ASN A 16 6.49 1.91 -8.84
CA ASN A 16 7.13 2.09 -7.54
C ASN A 16 6.11 2.49 -6.48
N HIS A 17 5.02 1.73 -6.40
CA HIS A 17 3.97 2.00 -5.43
C HIS A 17 4.44 1.69 -4.01
N SER A 18 3.52 1.76 -3.06
CA SER A 18 3.84 1.49 -1.66
C SER A 18 4.53 0.13 -1.52
N ALA A 19 5.75 0.14 -0.97
CA ALA A 19 6.50 -1.09 -0.78
C ALA A 19 6.00 -1.86 0.43
N CYS A 20 5.47 -1.14 1.41
CA CYS A 20 4.95 -1.76 2.62
C CYS A 20 3.90 -2.82 2.28
N ALA A 21 3.03 -2.50 1.33
CA ALA A 21 1.98 -3.42 0.91
C ALA A 21 2.57 -4.72 0.38
N LEU A 22 3.21 -4.63 -0.79
CA LEU A 22 3.83 -5.81 -1.40
C LEU A 22 4.75 -6.53 -0.42
N HIS A 23 5.37 -5.75 0.46
CA HIS A 23 6.28 -6.31 1.46
C HIS A 23 5.54 -7.26 2.40
N CYS A 24 4.58 -6.72 3.15
CA CYS A 24 3.80 -7.51 4.08
C CYS A 24 3.18 -8.73 3.38
N ILE A 25 2.58 -8.49 2.22
CA ILE A 25 1.95 -9.55 1.45
C ILE A 25 2.92 -10.69 1.19
N ALA A 26 4.01 -10.38 0.48
CA ALA A 26 5.02 -11.38 0.16
C ALA A 26 5.58 -12.01 1.42
N LEU A 27 5.59 -11.24 2.50
CA LEU A 27 6.11 -11.72 3.78
C LEU A 27 5.22 -12.83 4.34
N ARG A 28 4.02 -12.44 4.79
CA ARG A 28 3.07 -13.40 5.34
C ARG A 28 1.65 -12.84 5.30
N LYS A 29 1.28 -12.26 4.16
CA LYS A 29 -0.04 -11.69 3.99
C LYS A 29 -0.53 -11.87 2.55
N LYS A 30 -1.74 -11.39 2.27
CA LYS A 30 -2.32 -11.49 0.94
C LYS A 30 -2.59 -10.11 0.35
N GLY A 31 -2.90 -9.15 1.22
CA GLY A 31 -3.17 -7.80 0.77
C GLY A 31 -2.58 -6.76 1.68
N GLY A 32 -2.79 -5.49 1.34
CA GLY A 32 -2.25 -4.41 2.16
C GLY A 32 -3.00 -3.11 1.94
N SER A 33 -2.91 -2.20 2.92
CA SER A 33 -3.58 -0.92 2.83
C SER A 33 -2.97 0.09 3.81
N CYS A 34 -3.45 1.32 3.75
CA CYS A 34 -2.95 2.37 4.63
C CYS A 34 -4.09 3.24 5.16
N GLN A 35 -4.01 3.61 6.44
CA GLN A 35 -5.04 4.42 7.06
C GLN A 35 -4.42 5.41 8.04
N ASN A 36 -4.99 6.62 8.11
CA ASN A 36 -4.49 7.64 9.01
C ASN A 36 -3.01 7.91 8.77
N GLY A 37 -2.55 7.65 7.55
CA GLY A 37 -1.16 7.87 7.22
C GLY A 37 -0.25 6.80 7.81
N VAL A 38 -0.82 5.63 8.09
CA VAL A 38 -0.06 4.53 8.66
C VAL A 38 -0.27 3.25 7.85
N CYS A 39 0.81 2.50 7.66
CA CYS A 39 0.74 1.25 6.91
C CYS A 39 0.00 0.18 7.71
N VAL A 40 -0.85 -0.58 7.03
CA VAL A 40 -1.61 -1.65 7.66
C VAL A 40 -1.78 -2.84 6.73
N CYS A 41 -1.46 -4.03 7.24
CA CYS A 41 -1.57 -5.25 6.46
C CYS A 41 -2.99 -5.81 6.53
N ARG A 42 -3.42 -6.45 5.45
CA ARG A 42 -4.76 -7.03 5.38
C ARG A 42 -4.78 -8.25 4.46
N ASN A 43 -5.92 -8.92 4.41
CA ASN A 43 -6.07 -10.10 3.56
C ASN A 43 -7.42 -10.10 2.86
N VAL A 1 6.76 5.22 -0.33
CA VAL A 1 7.24 4.27 0.67
C VAL A 1 6.23 4.09 1.79
N THR A 2 5.46 5.14 2.06
CA THR A 2 4.45 5.10 3.10
C THR A 2 3.21 5.90 2.71
N CYS A 3 2.10 5.64 3.40
CA CYS A 3 0.85 6.34 3.12
C CYS A 3 0.82 7.70 3.80
N ASP A 4 1.81 8.53 3.49
CA ASP A 4 1.90 9.87 4.06
C ASP A 4 1.45 10.93 3.05
N VAL A 5 1.90 10.77 1.81
CA VAL A 5 1.56 11.71 0.75
C VAL A 5 0.27 11.30 0.04
N LEU A 6 -0.75 11.00 0.84
CA LEU A 6 -2.04 10.59 0.28
C LEU A 6 -2.54 11.60 -0.74
N SER A 7 -3.04 11.10 -1.86
CA SER A 7 -3.55 11.97 -2.92
C SER A 7 -4.34 11.16 -3.96
N PHE A 8 -4.77 11.82 -5.02
CA PHE A 8 -5.53 11.16 -6.08
C PHE A 8 -4.80 9.92 -6.57
N GLU A 9 -5.51 8.80 -6.60
CA GLU A 9 -4.94 7.54 -7.06
C GLU A 9 -6.04 6.53 -7.40
N ALA A 10 -5.92 5.92 -8.58
CA ALA A 10 -6.90 4.93 -9.02
C ALA A 10 -6.49 4.32 -10.35
N LYS A 11 -6.77 3.03 -10.52
CA LYS A 11 -6.43 2.32 -11.74
C LYS A 11 -4.92 2.27 -11.95
N GLY A 12 -4.18 2.47 -10.86
CA GLY A 12 -2.73 2.44 -10.94
C GLY A 12 -2.11 1.67 -9.80
N ILE A 13 -2.45 0.39 -9.69
CA ILE A 13 -1.91 -0.46 -8.63
C ILE A 13 -0.46 -0.83 -8.91
N ALA A 14 -0.08 -0.81 -10.18
CA ALA A 14 1.28 -1.14 -10.57
C ALA A 14 2.16 0.11 -10.59
N VAL A 15 2.93 0.29 -9.52
CA VAL A 15 3.82 1.44 -9.41
C VAL A 15 4.89 1.21 -8.34
N ASN A 16 6.09 1.69 -8.60
CA ASN A 16 7.20 1.53 -7.66
C ASN A 16 6.80 2.02 -6.27
N HIS A 17 6.16 3.19 -6.22
CA HIS A 17 5.73 3.77 -4.96
C HIS A 17 4.91 2.77 -4.15
N SER A 18 4.64 3.10 -2.89
CA SER A 18 3.87 2.22 -2.02
C SER A 18 4.61 0.92 -1.78
N ALA A 19 5.86 1.01 -1.32
CA ALA A 19 6.67 -0.17 -1.06
C ALA A 19 6.09 -0.99 0.09
N CYS A 20 5.45 -0.31 1.02
CA CYS A 20 4.85 -0.97 2.17
C CYS A 20 3.84 -2.03 1.72
N ALA A 21 3.04 -1.68 0.72
CA ALA A 21 2.04 -2.60 0.20
C ALA A 21 2.69 -3.87 -0.33
N LEU A 22 3.41 -3.76 -1.43
CA LEU A 22 4.08 -4.90 -2.04
C LEU A 22 4.93 -5.65 -1.02
N HIS A 23 5.44 -4.91 -0.03
CA HIS A 23 6.27 -5.50 1.01
C HIS A 23 5.45 -6.48 1.86
N CYS A 24 4.43 -5.96 2.53
CA CYS A 24 3.58 -6.79 3.38
C CYS A 24 3.02 -7.97 2.60
N ILE A 25 2.57 -7.70 1.37
CA ILE A 25 2.02 -8.75 0.52
C ILE A 25 3.04 -9.85 0.25
N ALA A 26 4.08 -9.50 -0.52
CA ALA A 26 5.14 -10.45 -0.84
C ALA A 26 5.68 -11.12 0.42
N LEU A 27 5.65 -10.40 1.53
CA LEU A 27 6.15 -10.92 2.80
C LEU A 27 5.23 -12.03 3.32
N ARG A 28 4.05 -11.64 3.78
CA ARG A 28 3.08 -12.60 4.31
C ARG A 28 1.67 -12.02 4.29
N LYS A 29 1.28 -11.47 3.14
CA LYS A 29 -0.05 -10.89 2.98
C LYS A 29 -0.50 -10.97 1.53
N LYS A 30 -1.68 -10.42 1.26
CA LYS A 30 -2.24 -10.43 -0.09
C LYS A 30 -2.78 -9.06 -0.46
N GLY A 31 -3.46 -8.41 0.49
CA GLY A 31 -4.03 -7.11 0.23
C GLY A 31 -3.26 -6.00 0.94
N GLY A 32 -3.69 -4.76 0.73
CA GLY A 32 -3.02 -3.64 1.36
C GLY A 32 -3.89 -2.38 1.38
N SER A 33 -3.75 -1.60 2.44
CA SER A 33 -4.53 -0.38 2.58
C SER A 33 -3.83 0.62 3.51
N CYS A 34 -4.43 1.78 3.69
CA CYS A 34 -3.86 2.81 4.54
C CYS A 34 -4.92 3.39 5.47
N GLN A 35 -4.55 3.61 6.72
CA GLN A 35 -5.46 4.17 7.72
C GLN A 35 -4.79 5.29 8.50
N ASN A 36 -5.47 6.44 8.56
CA ASN A 36 -4.94 7.59 9.29
C ASN A 36 -3.53 7.94 8.82
N GLY A 37 -3.30 7.83 7.52
CA GLY A 37 -2.00 8.13 6.96
C GLY A 37 -0.95 7.12 7.37
N VAL A 38 -1.40 5.94 7.81
CA VAL A 38 -0.49 4.89 8.23
C VAL A 38 -0.70 3.62 7.42
N CYS A 39 0.41 2.97 7.04
CA CYS A 39 0.34 1.74 6.25
C CYS A 39 -0.38 0.64 7.02
N VAL A 40 -1.36 0.01 6.39
CA VAL A 40 -2.13 -1.06 7.01
C VAL A 40 -2.25 -2.25 6.08
N CYS A 41 -1.87 -3.42 6.57
CA CYS A 41 -1.95 -4.65 5.78
C CYS A 41 -3.33 -5.30 5.91
N ARG A 42 -3.72 -6.05 4.90
CA ARG A 42 -5.01 -6.73 4.90
C ARG A 42 -4.96 -8.01 4.08
N ASN A 43 -5.77 -8.99 4.47
CA ASN A 43 -5.81 -10.27 3.78
C ASN A 43 -6.73 -10.20 2.56
N VAL A 1 5.17 9.34 3.63
CA VAL A 1 4.14 9.63 2.65
C VAL A 1 3.58 8.35 2.05
N THR A 2 3.67 7.26 2.81
CA THR A 2 3.16 5.97 2.36
C THR A 2 1.67 6.01 2.10
N CYS A 3 0.94 6.64 3.02
CA CYS A 3 -0.51 6.76 2.90
C CYS A 3 -0.90 8.12 2.32
N ASP A 4 -0.25 8.50 1.23
CA ASP A 4 -0.52 9.77 0.58
C ASP A 4 -2.01 9.93 0.30
N VAL A 5 -2.64 10.89 0.98
CA VAL A 5 -4.07 11.14 0.79
C VAL A 5 -4.32 11.98 -0.45
N LEU A 6 -3.87 11.48 -1.59
CA LEU A 6 -4.06 12.20 -2.86
C LEU A 6 -5.09 11.50 -3.72
N SER A 7 -5.71 12.25 -4.63
CA SER A 7 -6.73 11.71 -5.52
C SER A 7 -6.12 11.34 -6.87
N PHE A 8 -6.22 10.07 -7.23
CA PHE A 8 -5.67 9.58 -8.50
C PHE A 8 -6.37 8.29 -8.92
N GLU A 9 -6.17 7.91 -10.18
CA GLU A 9 -6.77 6.70 -10.72
C GLU A 9 -6.46 5.49 -9.83
N ALA A 10 -5.26 5.50 -9.25
CA ALA A 10 -4.83 4.41 -8.39
C ALA A 10 -4.72 3.09 -9.16
N LYS A 11 -4.15 3.17 -10.36
CA LYS A 11 -3.99 1.99 -11.20
C LYS A 11 -2.52 1.63 -11.35
N GLY A 12 -1.72 2.02 -10.35
CA GLY A 12 -0.30 1.72 -10.40
C GLY A 12 0.42 2.44 -11.52
N ILE A 13 0.30 3.76 -11.55
CA ILE A 13 0.95 4.56 -12.59
C ILE A 13 2.26 5.17 -12.08
N ALA A 14 2.15 6.16 -11.21
CA ALA A 14 3.32 6.82 -10.65
C ALA A 14 3.37 6.66 -9.13
N VAL A 15 2.74 5.61 -8.63
CA VAL A 15 2.70 5.34 -7.19
C VAL A 15 3.67 4.22 -6.83
N ASN A 16 4.65 4.54 -5.99
CA ASN A 16 5.65 3.55 -5.57
C ASN A 16 5.85 3.62 -4.06
N HIS A 17 4.76 3.85 -3.32
CA HIS A 17 4.83 3.94 -1.87
C HIS A 17 3.99 2.83 -1.23
N SER A 18 3.98 1.67 -1.87
CA SER A 18 3.22 0.53 -1.36
C SER A 18 4.12 -0.68 -1.15
N ALA A 19 5.35 -0.41 -0.72
CA ALA A 19 6.32 -1.48 -0.47
C ALA A 19 5.82 -2.43 0.61
N CYS A 20 5.30 -1.85 1.70
CA CYS A 20 4.79 -2.65 2.80
C CYS A 20 3.72 -3.62 2.34
N ALA A 21 2.84 -3.15 1.46
CA ALA A 21 1.76 -3.97 0.92
C ALA A 21 2.31 -5.23 0.27
N LEU A 22 2.98 -5.07 -0.87
CA LEU A 22 3.55 -6.20 -1.59
C LEU A 22 4.42 -7.05 -0.66
N HIS A 23 5.10 -6.39 0.27
CA HIS A 23 5.96 -7.10 1.22
C HIS A 23 5.15 -8.05 2.09
N CYS A 24 4.25 -7.49 2.90
CA CYS A 24 3.42 -8.29 3.78
C CYS A 24 2.68 -9.37 3.00
N ILE A 25 2.15 -8.99 1.84
CA ILE A 25 1.42 -9.93 0.99
C ILE A 25 2.30 -11.11 0.57
N ALA A 26 3.30 -10.82 -0.25
CA ALA A 26 4.22 -11.85 -0.72
C ALA A 26 4.79 -12.64 0.45
N LEU A 27 4.92 -11.99 1.60
CA LEU A 27 5.46 -12.63 2.78
C LEU A 27 4.51 -13.69 3.32
N ARG A 28 3.42 -13.22 3.94
CA ARG A 28 2.43 -14.13 4.50
C ARG A 28 1.07 -13.44 4.62
N LYS A 29 0.67 -12.75 3.56
CA LYS A 29 -0.60 -12.04 3.53
C LYS A 29 -1.18 -12.00 2.12
N LYS A 30 -2.36 -11.40 1.99
CA LYS A 30 -3.02 -11.29 0.69
C LYS A 30 -3.35 -9.84 0.37
N GLY A 31 -3.80 -9.09 1.38
CA GLY A 31 -4.13 -7.70 1.19
C GLY A 31 -3.21 -6.76 1.95
N GLY A 32 -3.41 -5.46 1.77
CA GLY A 32 -2.59 -4.48 2.45
C GLY A 32 -3.19 -3.10 2.42
N SER A 33 -2.89 -2.30 3.45
CA SER A 33 -3.41 -0.94 3.55
C SER A 33 -2.54 -0.09 4.45
N CYS A 34 -2.92 1.17 4.60
CA CYS A 34 -2.17 2.10 5.45
C CYS A 34 -3.11 2.84 6.41
N GLN A 35 -2.72 2.91 7.68
CA GLN A 35 -3.51 3.59 8.69
C GLN A 35 -2.73 4.74 9.32
N ASN A 36 -3.24 5.95 9.17
CA ASN A 36 -2.58 7.13 9.75
C ASN A 36 -1.12 7.20 9.30
N GLY A 37 -0.87 6.80 8.06
CA GLY A 37 0.48 6.84 7.54
C GLY A 37 1.33 5.70 8.06
N VAL A 38 0.68 4.65 8.55
CA VAL A 38 1.39 3.49 9.09
C VAL A 38 1.05 2.22 8.31
N CYS A 39 2.08 1.53 7.84
CA CYS A 39 1.89 0.31 7.07
C CYS A 39 1.04 -0.71 7.86
N VAL A 40 -0.06 -1.15 7.24
CA VAL A 40 -0.94 -2.11 7.88
C VAL A 40 -1.27 -3.26 6.94
N CYS A 41 -1.22 -4.48 7.45
CA CYS A 41 -1.51 -5.67 6.66
C CYS A 41 -2.97 -6.09 6.83
N ARG A 42 -3.50 -6.78 5.83
CA ARG A 42 -4.88 -7.24 5.87
C ARG A 42 -5.07 -8.47 4.98
N ASN A 43 -6.10 -9.26 5.28
CA ASN A 43 -6.39 -10.46 4.52
C ASN A 43 -7.56 -10.24 3.57
N VAL A 1 8.47 9.19 3.78
CA VAL A 1 7.74 9.09 2.53
C VAL A 1 6.96 7.78 2.46
N THR A 2 5.99 7.62 3.35
CA THR A 2 5.18 6.42 3.39
C THR A 2 3.69 6.77 3.44
N CYS A 3 2.85 5.78 3.12
CA CYS A 3 1.41 5.98 3.13
C CYS A 3 1.01 7.13 2.20
N ASP A 4 1.84 7.38 1.20
CA ASP A 4 1.57 8.45 0.24
C ASP A 4 0.26 8.22 -0.49
N VAL A 5 -0.68 9.15 -0.33
CA VAL A 5 -1.98 9.04 -0.98
C VAL A 5 -2.13 10.07 -2.09
N LEU A 6 -1.40 11.18 -1.97
CA LEU A 6 -1.44 12.24 -2.96
C LEU A 6 -1.00 11.73 -4.33
N SER A 7 -1.89 11.84 -5.31
CA SER A 7 -1.60 11.38 -6.66
C SER A 7 -2.59 11.96 -7.66
N PHE A 8 -2.14 12.18 -8.89
CA PHE A 8 -3.00 12.72 -9.94
C PHE A 8 -4.20 11.83 -10.19
N GLU A 9 -5.28 12.42 -10.69
CA GLU A 9 -6.50 11.66 -10.96
C GLU A 9 -6.28 10.67 -12.10
N ALA A 10 -5.87 9.45 -11.74
CA ALA A 10 -5.62 8.41 -12.72
C ALA A 10 -5.67 7.03 -12.08
N LYS A 11 -6.66 6.22 -12.49
CA LYS A 11 -6.82 4.88 -11.95
C LYS A 11 -6.63 3.83 -13.05
N GLY A 12 -6.29 2.61 -12.64
CA GLY A 12 -6.09 1.54 -13.61
C GLY A 12 -4.79 0.80 -13.38
N ILE A 13 -3.86 1.45 -12.68
CA ILE A 13 -2.56 0.85 -12.40
C ILE A 13 -2.51 0.30 -10.98
N ALA A 14 -3.27 0.90 -10.09
CA ALA A 14 -3.32 0.46 -8.70
C ALA A 14 -1.96 0.62 -8.03
N VAL A 15 -1.28 1.73 -8.32
CA VAL A 15 0.03 2.01 -7.75
C VAL A 15 -0.01 1.92 -6.22
N ASN A 16 1.11 1.51 -5.63
CA ASN A 16 1.21 1.38 -4.19
C ASN A 16 2.34 2.24 -3.64
N HIS A 17 2.05 2.96 -2.56
CA HIS A 17 3.06 3.82 -1.95
C HIS A 17 3.30 3.41 -0.49
N SER A 18 3.89 2.24 -0.31
CA SER A 18 4.18 1.73 1.03
C SER A 18 4.98 0.43 0.96
N ALA A 19 6.24 0.49 1.40
CA ALA A 19 7.11 -0.67 1.39
C ALA A 19 6.53 -1.79 2.24
N CYS A 20 5.83 -1.42 3.30
CA CYS A 20 5.23 -2.39 4.20
C CYS A 20 4.27 -3.32 3.45
N ALA A 21 3.62 -2.79 2.43
CA ALA A 21 2.69 -3.56 1.62
C ALA A 21 3.38 -4.76 0.98
N LEU A 22 4.25 -4.48 0.01
CA LEU A 22 4.97 -5.54 -0.69
C LEU A 22 5.78 -6.39 0.29
N HIS A 23 6.26 -5.76 1.36
CA HIS A 23 7.04 -6.45 2.37
C HIS A 23 6.19 -7.51 3.07
N CYS A 24 5.13 -7.08 3.73
CA CYS A 24 4.24 -7.99 4.45
C CYS A 24 3.73 -9.08 3.52
N ILE A 25 3.33 -8.69 2.32
CA ILE A 25 2.82 -9.65 1.33
C ILE A 25 3.87 -10.72 1.01
N ALA A 26 4.94 -10.30 0.35
CA ALA A 26 6.01 -11.23 0.00
C ALA A 26 6.50 -12.00 1.21
N LEU A 27 6.40 -11.39 2.38
CA LEU A 27 6.84 -12.03 3.63
C LEU A 27 5.90 -13.19 3.99
N ARG A 28 4.71 -12.84 4.47
CA ARG A 28 3.73 -13.85 4.86
C ARG A 28 2.32 -13.29 4.78
N LYS A 29 2.01 -12.63 3.67
CA LYS A 29 0.69 -12.04 3.47
C LYS A 29 0.34 -12.02 1.99
N LYS A 30 -0.87 -11.53 1.68
CA LYS A 30 -1.33 -11.44 0.30
C LYS A 30 -1.71 -10.01 -0.06
N GLY A 31 -2.26 -9.29 0.91
CA GLY A 31 -2.66 -7.92 0.67
C GLY A 31 -2.01 -6.95 1.64
N GLY A 32 -1.86 -5.70 1.22
CA GLY A 32 -1.24 -4.70 2.08
C GLY A 32 -1.89 -3.33 1.92
N SER A 33 -1.90 -2.56 3.00
CA SER A 33 -2.49 -1.23 2.98
C SER A 33 -2.00 -0.41 4.17
N CYS A 34 -2.47 0.84 4.26
CA CYS A 34 -2.07 1.73 5.33
C CYS A 34 -3.30 2.33 6.02
N GLN A 35 -3.43 2.05 7.32
CA GLN A 35 -4.56 2.55 8.09
C GLN A 35 -4.09 3.58 9.12
N ASN A 36 -4.78 4.71 9.17
CA ASN A 36 -4.44 5.77 10.12
C ASN A 36 -2.95 6.13 10.02
N GLY A 37 -2.45 6.21 8.78
CA GLY A 37 -1.06 6.55 8.57
C GLY A 37 -0.11 5.50 9.15
N VAL A 38 -0.61 4.27 9.27
CA VAL A 38 0.20 3.18 9.81
C VAL A 38 0.17 1.97 8.87
N CYS A 39 1.29 1.26 8.81
CA CYS A 39 1.40 0.08 7.96
C CYS A 39 0.51 -1.05 8.47
N VAL A 40 -0.44 -1.46 7.65
CA VAL A 40 -1.36 -2.54 8.01
C VAL A 40 -1.40 -3.62 6.95
N CYS A 41 -1.37 -4.88 7.39
CA CYS A 41 -1.39 -6.02 6.48
C CYS A 41 -2.81 -6.57 6.35
N ARG A 42 -3.14 -7.07 5.16
CA ARG A 42 -4.46 -7.63 4.89
C ARG A 42 -4.36 -8.85 3.98
N ASN A 43 -5.50 -9.47 3.71
CA ASN A 43 -5.54 -10.66 2.87
C ASN A 43 -6.14 -10.32 1.49
N VAL A 1 6.05 6.14 6.14
CA VAL A 1 6.88 7.07 5.39
C VAL A 1 6.53 7.05 3.91
N THR A 2 5.27 6.79 3.60
CA THR A 2 4.81 6.74 2.22
C THR A 2 3.48 7.47 2.05
N CYS A 3 2.97 7.47 0.82
CA CYS A 3 1.70 8.14 0.52
C CYS A 3 1.79 9.63 0.85
N ASP A 4 2.88 10.26 0.42
CA ASP A 4 3.09 11.68 0.66
C ASP A 4 2.05 12.51 -0.08
N VAL A 5 1.73 12.09 -1.31
CA VAL A 5 0.75 12.80 -2.12
C VAL A 5 -0.63 12.81 -1.46
N LEU A 6 -0.88 11.80 -0.62
CA LEU A 6 -2.15 11.69 0.08
C LEU A 6 -3.31 11.67 -0.90
N SER A 7 -3.12 10.98 -2.01
CA SER A 7 -4.15 10.87 -3.04
C SER A 7 -5.38 10.16 -2.50
N PHE A 8 -6.56 10.60 -2.93
CA PHE A 8 -7.82 9.99 -2.50
C PHE A 8 -8.02 8.64 -3.15
N GLU A 9 -7.45 8.47 -4.34
CA GLU A 9 -7.58 7.22 -5.08
C GLU A 9 -6.24 6.48 -5.13
N ALA A 10 -6.10 5.45 -4.31
CA ALA A 10 -4.88 4.66 -4.27
C ALA A 10 -5.04 3.36 -5.04
N LYS A 11 -5.93 3.36 -6.02
CA LYS A 11 -6.19 2.18 -6.84
C LYS A 11 -6.28 2.54 -8.31
N GLY A 12 -5.38 1.98 -9.13
CA GLY A 12 -5.38 2.26 -10.55
C GLY A 12 -4.23 3.12 -10.97
N ILE A 13 -3.09 2.95 -10.30
CA ILE A 13 -1.89 3.73 -10.61
C ILE A 13 -0.87 2.89 -11.36
N ALA A 14 -0.91 1.58 -11.14
CA ALA A 14 0.01 0.66 -11.80
C ALA A 14 1.45 0.95 -11.40
N VAL A 15 1.66 1.23 -10.12
CA VAL A 15 3.00 1.51 -9.61
C VAL A 15 3.26 0.79 -8.30
N ASN A 16 4.46 0.21 -8.18
CA ASN A 16 4.83 -0.53 -6.98
C ASN A 16 6.03 0.13 -6.30
N HIS A 17 5.78 1.22 -5.58
CA HIS A 17 6.83 1.93 -4.88
C HIS A 17 6.55 1.97 -3.38
N SER A 18 6.01 0.88 -2.85
CA SER A 18 5.70 0.79 -1.43
C SER A 18 6.20 -0.52 -0.84
N ALA A 19 7.40 -0.48 -0.28
CA ALA A 19 8.01 -1.66 0.32
C ALA A 19 7.06 -2.30 1.34
N CYS A 20 6.34 -1.47 2.07
CA CYS A 20 5.41 -1.95 3.07
C CYS A 20 4.42 -2.94 2.47
N ALA A 21 3.89 -2.59 1.30
CA ALA A 21 2.93 -3.45 0.61
C ALA A 21 3.54 -4.82 0.30
N LEU A 22 4.53 -4.82 -0.60
CA LEU A 22 5.19 -6.06 -0.99
C LEU A 22 5.68 -6.83 0.23
N HIS A 23 6.03 -6.09 1.28
CA HIS A 23 6.50 -6.70 2.52
C HIS A 23 5.42 -7.55 3.16
N CYS A 24 4.36 -6.89 3.64
CA CYS A 24 3.25 -7.59 4.27
C CYS A 24 2.73 -8.72 3.39
N ILE A 25 2.54 -8.42 2.11
CA ILE A 25 2.05 -9.41 1.16
C ILE A 25 2.94 -10.65 1.15
N ALA A 26 4.18 -10.48 0.69
CA ALA A 26 5.13 -11.58 0.63
C ALA A 26 5.25 -12.28 1.98
N LEU A 27 5.05 -11.52 3.05
CA LEU A 27 5.13 -12.07 4.40
C LEU A 27 4.01 -13.07 4.65
N ARG A 28 2.79 -12.56 4.85
CA ARG A 28 1.64 -13.42 5.10
C ARG A 28 0.35 -12.71 4.72
N LYS A 29 0.37 -12.03 3.58
CA LYS A 29 -0.81 -11.30 3.10
C LYS A 29 -0.90 -11.38 1.58
N LYS A 30 -2.01 -10.88 1.03
CA LYS A 30 -2.21 -10.87 -0.41
C LYS A 30 -2.59 -9.48 -0.91
N GLY A 31 -3.40 -8.77 -0.12
CA GLY A 31 -3.82 -7.45 -0.49
C GLY A 31 -2.88 -6.37 0.03
N GLY A 32 -3.01 -5.16 -0.48
CA GLY A 32 -2.17 -4.06 -0.05
C GLY A 32 -2.70 -2.71 -0.47
N SER A 33 -3.04 -1.88 0.51
CA SER A 33 -3.58 -0.55 0.23
C SER A 33 -2.98 0.48 1.19
N CYS A 34 -3.40 1.73 1.04
CA CYS A 34 -2.91 2.81 1.88
C CYS A 34 -4.05 3.70 2.35
N GLN A 35 -4.05 4.04 3.63
CA GLN A 35 -5.10 4.89 4.20
C GLN A 35 -4.50 5.90 5.18
N ASN A 36 -5.03 7.11 5.16
CA ASN A 36 -4.55 8.17 6.04
C ASN A 36 -3.06 8.45 5.81
N GLY A 37 -2.60 8.15 4.60
CA GLY A 37 -1.21 8.37 4.27
C GLY A 37 -0.30 7.29 4.81
N VAL A 38 -0.89 6.27 5.43
CA VAL A 38 -0.13 5.17 6.00
C VAL A 38 -0.39 3.88 5.24
N CYS A 39 0.61 3.01 5.19
CA CYS A 39 0.49 1.74 4.50
C CYS A 39 -0.35 0.75 5.30
N VAL A 40 -1.19 -0.02 4.61
CA VAL A 40 -2.04 -0.99 5.27
C VAL A 40 -2.27 -2.21 4.37
N CYS A 41 -1.93 -3.38 4.89
CA CYS A 41 -2.10 -4.63 4.14
C CYS A 41 -3.37 -5.36 4.58
N ARG A 42 -4.07 -5.93 3.60
CA ARG A 42 -5.30 -6.66 3.90
C ARG A 42 -5.24 -8.08 3.35
N ASN A 43 -5.88 -9.02 4.04
CA ASN A 43 -5.89 -10.41 3.62
C ASN A 43 -6.86 -10.63 2.46
N VAL A 1 7.37 5.53 4.06
CA VAL A 1 6.47 6.30 4.91
C VAL A 1 5.34 6.92 4.09
N THR A 2 4.43 6.07 3.62
CA THR A 2 3.30 6.53 2.83
C THR A 2 2.00 5.90 3.30
N CYS A 3 0.89 6.53 2.97
CA CYS A 3 -0.43 6.02 3.36
C CYS A 3 -1.37 5.94 2.16
N ASP A 4 -0.79 5.71 0.99
CA ASP A 4 -1.57 5.61 -0.24
C ASP A 4 -2.46 6.83 -0.42
N VAL A 5 -2.01 7.97 0.11
CA VAL A 5 -2.77 9.21 0.01
C VAL A 5 -2.70 9.79 -1.40
N LEU A 6 -3.51 9.24 -2.30
CA LEU A 6 -3.54 9.69 -3.68
C LEU A 6 -4.74 9.12 -4.42
N SER A 7 -4.94 9.57 -5.66
CA SER A 7 -6.06 9.09 -6.47
C SER A 7 -5.58 8.10 -7.52
N PHE A 8 -6.37 7.06 -7.76
CA PHE A 8 -6.03 6.05 -8.75
C PHE A 8 -5.78 6.67 -10.11
N GLU A 9 -4.65 6.30 -10.73
CA GLU A 9 -4.30 6.83 -12.04
C GLU A 9 -3.40 5.85 -12.79
N ALA A 10 -3.81 5.49 -14.00
CA ALA A 10 -3.04 4.57 -14.82
C ALA A 10 -2.32 5.30 -15.95
N LYS A 11 -2.21 6.62 -15.81
CA LYS A 11 -1.54 7.45 -16.81
C LYS A 11 -0.55 8.39 -16.16
N GLY A 12 -0.09 8.04 -14.96
CA GLY A 12 0.86 8.87 -14.25
C GLY A 12 1.46 8.17 -13.04
N ILE A 13 2.08 7.02 -13.26
CA ILE A 13 2.68 6.25 -12.19
C ILE A 13 3.92 6.96 -11.64
N ALA A 14 3.96 7.14 -10.33
CA ALA A 14 5.09 7.81 -9.68
C ALA A 14 5.71 6.90 -8.62
N VAL A 15 6.68 7.45 -7.89
CA VAL A 15 7.36 6.69 -6.84
C VAL A 15 6.44 6.46 -5.65
N ASN A 16 5.46 7.35 -5.48
CA ASN A 16 4.51 7.25 -4.38
C ASN A 16 3.44 6.20 -4.68
N HIS A 17 3.36 5.19 -3.82
CA HIS A 17 2.38 4.13 -3.99
C HIS A 17 2.36 3.21 -2.77
N SER A 18 1.23 2.54 -2.56
CA SER A 18 1.09 1.62 -1.43
C SER A 18 1.79 0.30 -1.70
N ALA A 19 3.10 0.34 -1.81
CA ALA A 19 3.89 -0.86 -2.07
C ALA A 19 3.86 -1.81 -0.88
N CYS A 20 3.88 -1.23 0.32
CA CYS A 20 3.86 -2.02 1.55
C CYS A 20 2.67 -2.99 1.56
N ALA A 21 1.53 -2.51 1.06
CA ALA A 21 0.33 -3.33 1.00
C ALA A 21 0.54 -4.56 0.12
N LEU A 22 0.66 -4.34 -1.18
CA LEU A 22 0.86 -5.43 -2.14
C LEU A 22 2.04 -6.30 -1.71
N HIS A 23 3.02 -5.70 -1.05
CA HIS A 23 4.19 -6.41 -0.58
C HIS A 23 3.81 -7.48 0.45
N CYS A 24 3.26 -7.02 1.58
CA CYS A 24 2.85 -7.93 2.64
C CYS A 24 1.89 -8.99 2.11
N ILE A 25 0.93 -8.56 1.30
CA ILE A 25 -0.06 -9.47 0.72
C ILE A 25 0.63 -10.57 -0.10
N ALA A 26 1.22 -10.17 -1.21
CA ALA A 26 1.91 -11.12 -2.08
C ALA A 26 2.93 -11.94 -1.30
N LEU A 27 3.48 -11.36 -0.26
CA LEU A 27 4.47 -12.04 0.58
C LEU A 27 3.82 -13.19 1.35
N ARG A 28 3.06 -12.85 2.38
CA ARG A 28 2.38 -13.86 3.19
C ARG A 28 1.15 -13.28 3.87
N LYS A 29 0.34 -12.56 3.09
CA LYS A 29 -0.88 -11.95 3.62
C LYS A 29 -1.92 -11.82 2.52
N LYS A 30 -3.08 -11.25 2.88
CA LYS A 30 -4.17 -11.07 1.93
C LYS A 30 -4.74 -9.66 2.03
N GLY A 31 -4.88 -9.17 3.25
CA GLY A 31 -5.41 -7.83 3.48
C GLY A 31 -4.35 -6.84 3.85
N GLY A 32 -4.69 -5.55 3.76
CA GLY A 32 -3.72 -4.51 4.09
C GLY A 32 -4.38 -3.16 4.28
N SER A 33 -3.93 -2.41 5.27
CA SER A 33 -4.48 -1.08 5.56
C SER A 33 -3.40 -0.14 6.07
N CYS A 34 -3.79 1.09 6.36
CA CYS A 34 -2.86 2.10 6.86
C CYS A 34 -3.47 2.90 8.00
N GLN A 35 -2.92 2.73 9.20
CA GLN A 35 -3.41 3.44 10.38
C GLN A 35 -2.34 4.38 10.93
N ASN A 36 -2.78 5.57 11.34
CA ASN A 36 -1.86 6.56 11.90
C ASN A 36 -0.69 6.81 10.95
N GLY A 37 -1.00 6.91 9.66
CA GLY A 37 0.03 7.15 8.66
C GLY A 37 1.05 6.03 8.61
N VAL A 38 0.68 4.87 9.14
CA VAL A 38 1.57 3.72 9.14
C VAL A 38 0.92 2.50 8.47
N CYS A 39 1.64 1.87 7.56
CA CYS A 39 1.13 0.72 6.85
C CYS A 39 1.04 -0.49 7.77
N VAL A 40 -0.01 -1.29 7.62
CA VAL A 40 -0.22 -2.47 8.44
C VAL A 40 -0.76 -3.62 7.61
N CYS A 41 -0.40 -4.84 7.98
CA CYS A 41 -0.85 -6.03 7.28
C CYS A 41 -2.10 -6.61 7.93
N ARG A 42 -3.01 -7.12 7.11
CA ARG A 42 -4.25 -7.71 7.61
C ARG A 42 -4.37 -9.17 7.18
N ASN A 43 -4.22 -10.07 8.14
CA ASN A 43 -4.31 -11.50 7.87
C ASN A 43 -5.74 -11.89 7.52
N VAL A 1 7.20 8.39 0.21
CA VAL A 1 7.38 7.07 -0.39
C VAL A 1 6.27 6.13 0.04
N THR A 2 5.74 6.33 1.24
CA THR A 2 4.67 5.50 1.77
C THR A 2 3.45 6.34 2.15
N CYS A 3 2.34 5.67 2.40
CA CYS A 3 1.10 6.35 2.78
C CYS A 3 0.67 7.33 1.70
N ASP A 4 0.90 6.96 0.45
CA ASP A 4 0.54 7.81 -0.68
C ASP A 4 -0.58 7.18 -1.51
N VAL A 5 -1.37 6.33 -0.86
CA VAL A 5 -2.48 5.66 -1.53
C VAL A 5 -3.82 6.18 -1.04
N LEU A 6 -4.10 7.45 -1.34
CA LEU A 6 -5.36 8.08 -0.93
C LEU A 6 -6.04 8.75 -2.11
N SER A 7 -5.76 8.25 -3.31
CA SER A 7 -6.35 8.81 -4.53
C SER A 7 -7.46 7.90 -5.06
N PHE A 8 -8.24 8.41 -6.00
CA PHE A 8 -9.32 7.65 -6.60
C PHE A 8 -8.84 6.87 -7.82
N GLU A 9 -9.77 6.20 -8.50
CA GLU A 9 -9.44 5.42 -9.68
C GLU A 9 -9.08 6.32 -10.85
N ALA A 10 -7.82 6.77 -10.88
CA ALA A 10 -7.36 7.64 -11.96
C ALA A 10 -6.20 7.00 -12.72
N LYS A 11 -5.70 5.88 -12.20
CA LYS A 11 -4.60 5.17 -12.83
C LYS A 11 -3.33 6.03 -12.85
N GLY A 12 -3.24 6.96 -11.90
CA GLY A 12 -2.08 7.83 -11.82
C GLY A 12 -1.19 7.50 -10.64
N ILE A 13 -0.83 6.23 -10.51
CA ILE A 13 0.02 5.79 -9.42
C ILE A 13 1.47 6.22 -9.66
N ALA A 14 2.15 6.57 -8.56
CA ALA A 14 3.54 7.00 -8.64
C ALA A 14 4.49 5.80 -8.67
N VAL A 15 5.76 6.07 -8.93
CA VAL A 15 6.77 5.01 -8.98
C VAL A 15 7.12 4.52 -7.59
N ASN A 16 7.09 5.43 -6.62
CA ASN A 16 7.41 5.10 -5.23
C ASN A 16 6.27 4.33 -4.59
N HIS A 17 6.27 3.01 -4.74
CA HIS A 17 5.23 2.17 -4.16
C HIS A 17 5.56 1.83 -2.71
N SER A 18 4.52 1.51 -1.93
CA SER A 18 4.70 1.17 -0.53
C SER A 18 5.36 -0.21 -0.37
N ALA A 19 6.55 -0.22 0.23
CA ALA A 19 7.28 -1.45 0.43
C ALA A 19 6.59 -2.34 1.48
N CYS A 20 6.18 -1.73 2.58
CA CYS A 20 5.51 -2.46 3.65
C CYS A 20 4.29 -3.21 3.12
N ALA A 21 3.56 -2.58 2.20
CA ALA A 21 2.39 -3.20 1.60
C ALA A 21 2.75 -4.49 0.86
N LEU A 22 3.45 -4.33 -0.26
CA LEU A 22 3.86 -5.48 -1.06
C LEU A 22 4.57 -6.52 -0.21
N HIS A 23 5.29 -6.04 0.82
CA HIS A 23 6.02 -6.93 1.71
C HIS A 23 5.06 -7.85 2.48
N CYS A 24 4.17 -7.24 3.25
CA CYS A 24 3.20 -8.01 4.02
C CYS A 24 2.40 -8.95 3.13
N ILE A 25 1.98 -8.45 1.97
CA ILE A 25 1.22 -9.25 1.02
C ILE A 25 2.00 -10.48 0.58
N ALA A 26 3.08 -10.26 -0.17
CA ALA A 26 3.91 -11.35 -0.64
C ALA A 26 4.35 -12.25 0.50
N LEU A 27 4.50 -11.66 1.68
CA LEU A 27 4.92 -12.41 2.86
C LEU A 27 3.83 -13.38 3.31
N ARG A 28 2.75 -12.84 3.86
CA ARG A 28 1.64 -13.66 4.33
C ARG A 28 0.36 -12.84 4.42
N LYS A 29 0.05 -12.11 3.35
CA LYS A 29 -1.15 -11.28 3.31
C LYS A 29 -1.64 -11.09 1.87
N LYS A 30 -2.75 -10.38 1.72
CA LYS A 30 -3.31 -10.13 0.40
C LYS A 30 -3.39 -8.63 0.11
N GLY A 31 -3.78 -7.86 1.13
CA GLY A 31 -3.89 -6.42 0.96
C GLY A 31 -2.94 -5.67 1.87
N GLY A 32 -2.80 -4.37 1.63
CA GLY A 32 -1.91 -3.55 2.45
C GLY A 32 -2.15 -2.07 2.26
N SER A 33 -2.09 -1.32 3.34
CA SER A 33 -2.31 0.13 3.29
C SER A 33 -1.63 0.81 4.48
N CYS A 34 -1.76 2.14 4.54
CA CYS A 34 -1.17 2.92 5.62
C CYS A 34 -2.24 3.68 6.40
N GLN A 35 -2.13 3.65 7.72
CA GLN A 35 -3.09 4.33 8.58
C GLN A 35 -2.38 5.15 9.65
N ASN A 36 -2.84 6.37 9.87
CA ASN A 36 -2.25 7.25 10.88
C ASN A 36 -0.76 7.39 10.65
N GLY A 37 -0.36 7.44 9.38
CA GLY A 37 1.05 7.58 9.06
C GLY A 37 1.86 6.36 9.43
N VAL A 38 1.18 5.22 9.57
CA VAL A 38 1.85 3.98 9.93
C VAL A 38 1.39 2.82 9.03
N CYS A 39 2.35 2.06 8.51
CA CYS A 39 2.06 0.93 7.64
C CYS A 39 1.20 -0.10 8.36
N VAL A 40 0.18 -0.59 7.68
CA VAL A 40 -0.71 -1.59 8.25
C VAL A 40 -1.13 -2.63 7.22
N CYS A 41 -1.18 -3.89 7.63
CA CYS A 41 -1.55 -4.98 6.74
C CYS A 41 -3.06 -5.20 6.76
N ARG A 42 -3.60 -5.72 5.66
CA ARG A 42 -5.03 -5.98 5.55
C ARG A 42 -5.30 -7.12 4.58
N ASN A 43 -6.49 -7.69 4.66
CA ASN A 43 -6.88 -8.79 3.78
C ASN A 43 -7.82 -8.31 2.68
N VAL A 1 6.96 9.00 7.21
CA VAL A 1 5.61 8.89 6.67
C VAL A 1 5.61 8.13 5.35
N THR A 2 4.56 7.34 5.12
CA THR A 2 4.44 6.55 3.90
C THR A 2 3.02 6.60 3.36
N CYS A 3 2.81 6.02 2.18
CA CYS A 3 1.50 5.99 1.56
C CYS A 3 1.01 7.41 1.25
N ASP A 4 1.95 8.28 0.89
CA ASP A 4 1.62 9.67 0.57
C ASP A 4 0.81 9.74 -0.72
N VAL A 5 0.99 8.75 -1.58
CA VAL A 5 0.28 8.70 -2.86
C VAL A 5 -1.23 8.59 -2.64
N LEU A 6 -1.92 9.72 -2.67
CA LEU A 6 -3.36 9.74 -2.48
C LEU A 6 -4.08 10.14 -3.77
N SER A 7 -3.54 9.69 -4.90
CA SER A 7 -4.12 10.00 -6.19
C SER A 7 -4.72 8.75 -6.83
N PHE A 8 -5.96 8.85 -7.28
CA PHE A 8 -6.64 7.73 -7.91
C PHE A 8 -6.94 8.03 -9.38
N GLU A 9 -7.09 9.31 -9.70
CA GLU A 9 -7.38 9.73 -11.06
C GLU A 9 -6.28 9.28 -12.01
N ALA A 10 -5.06 9.20 -11.50
CA ALA A 10 -3.91 8.78 -12.30
C ALA A 10 -3.49 7.36 -11.95
N LYS A 11 -4.35 6.39 -12.27
CA LYS A 11 -4.06 4.99 -11.99
C LYS A 11 -3.54 4.27 -13.24
N GLY A 12 -2.85 5.03 -14.09
CA GLY A 12 -2.31 4.44 -15.30
C GLY A 12 -0.80 4.28 -15.25
N ILE A 13 -0.16 5.02 -14.35
CA ILE A 13 1.29 4.95 -14.20
C ILE A 13 1.68 3.96 -13.10
N ALA A 14 0.75 3.70 -12.19
CA ALA A 14 0.99 2.79 -11.09
C ALA A 14 2.08 3.32 -10.17
N VAL A 15 2.02 4.61 -9.87
CA VAL A 15 3.00 5.24 -8.99
C VAL A 15 2.76 4.88 -7.53
N ASN A 16 1.52 4.53 -7.22
CA ASN A 16 1.15 4.16 -5.86
C ASN A 16 1.72 2.80 -5.49
N HIS A 17 3.00 2.79 -5.10
CA HIS A 17 3.67 1.55 -4.71
C HIS A 17 4.35 1.70 -3.35
N SER A 18 4.30 0.64 -2.56
CA SER A 18 4.91 0.64 -1.23
C SER A 18 5.63 -0.67 -0.96
N ALA A 19 6.78 -0.58 -0.29
CA ALA A 19 7.57 -1.76 0.03
C ALA A 19 6.90 -2.57 1.14
N CYS A 20 6.41 -1.88 2.16
CA CYS A 20 5.74 -2.54 3.28
C CYS A 20 4.62 -3.44 2.79
N ALA A 21 3.88 -2.96 1.79
CA ALA A 21 2.77 -3.72 1.24
C ALA A 21 3.24 -5.06 0.67
N LEU A 22 3.99 -5.01 -0.43
CA LEU A 22 4.50 -6.21 -1.07
C LEU A 22 5.24 -7.08 -0.05
N HIS A 23 5.83 -6.45 0.95
CA HIS A 23 6.56 -7.17 1.99
C HIS A 23 5.63 -8.08 2.77
N CYS A 24 4.72 -7.48 3.54
CA CYS A 24 3.78 -8.23 4.34
C CYS A 24 3.04 -9.27 3.50
N ILE A 25 2.61 -8.86 2.32
CA ILE A 25 1.91 -9.76 1.40
C ILE A 25 2.73 -11.00 1.10
N ALA A 26 3.85 -10.80 0.41
CA ALA A 26 4.73 -11.91 0.06
C ALA A 26 5.12 -12.72 1.29
N LEU A 27 5.20 -12.06 2.43
CA LEU A 27 5.56 -12.72 3.68
C LEU A 27 4.48 -13.72 4.10
N ARG A 28 3.33 -13.20 4.52
CA ARG A 28 2.23 -14.05 4.94
C ARG A 28 0.92 -13.26 4.96
N LYS A 29 0.66 -12.52 3.89
CA LYS A 29 -0.56 -11.72 3.78
C LYS A 29 -1.05 -11.66 2.34
N LYS A 30 -2.29 -11.22 2.16
CA LYS A 30 -2.87 -11.10 0.83
C LYS A 30 -3.26 -9.65 0.52
N GLY A 31 -3.87 -8.99 1.51
CA GLY A 31 -4.28 -7.62 1.33
C GLY A 31 -3.29 -6.63 1.92
N GLY A 32 -3.45 -5.36 1.56
CA GLY A 32 -2.55 -4.34 2.08
C GLY A 32 -3.16 -2.96 2.04
N SER A 33 -2.94 -2.18 3.10
CA SER A 33 -3.49 -0.84 3.19
C SER A 33 -2.64 0.03 4.11
N CYS A 34 -3.05 1.29 4.27
CA CYS A 34 -2.32 2.22 5.14
C CYS A 34 -3.30 3.11 5.91
N GLN A 35 -3.06 3.24 7.21
CA GLN A 35 -3.91 4.06 8.06
C GLN A 35 -3.09 5.11 8.81
N ASN A 36 -3.50 6.37 8.69
CA ASN A 36 -2.81 7.47 9.35
C ASN A 36 -1.31 7.45 9.00
N GLY A 37 -1.02 7.19 7.74
CA GLY A 37 0.38 7.15 7.30
C GLY A 37 1.12 5.95 7.86
N VAL A 38 0.38 4.95 8.33
CA VAL A 38 0.98 3.76 8.89
C VAL A 38 0.73 2.54 8.00
N CYS A 39 1.79 1.80 7.70
CA CYS A 39 1.69 0.62 6.85
C CYS A 39 1.03 -0.53 7.62
N VAL A 40 -0.12 -0.99 7.11
CA VAL A 40 -0.85 -2.08 7.75
C VAL A 40 -1.38 -3.07 6.71
N CYS A 41 -0.96 -4.32 6.83
CA CYS A 41 -1.40 -5.36 5.89
C CYS A 41 -2.55 -6.16 6.48
N ARG A 42 -3.52 -6.48 5.63
CA ARG A 42 -4.69 -7.25 6.06
C ARG A 42 -4.82 -8.54 5.25
N ASN A 43 -5.68 -9.43 5.71
CA ASN A 43 -5.91 -10.70 5.03
C ASN A 43 -7.31 -10.78 4.46
N VAL A 1 6.41 5.43 0.04
CA VAL A 1 5.10 5.19 0.64
C VAL A 1 4.04 4.96 -0.45
N THR A 2 3.18 3.99 -0.21
CA THR A 2 2.12 3.66 -1.17
C THR A 2 0.85 4.44 -0.86
N CYS A 3 -0.11 4.39 -1.78
CA CYS A 3 -1.38 5.09 -1.61
C CYS A 3 -1.15 6.59 -1.47
N ASP A 4 -0.36 7.15 -2.38
CA ASP A 4 -0.06 8.58 -2.36
C ASP A 4 -1.27 9.39 -2.81
N VAL A 5 -2.09 9.81 -1.86
CA VAL A 5 -3.28 10.59 -2.16
C VAL A 5 -3.08 12.06 -1.81
N LEU A 6 -1.86 12.53 -2.00
CA LEU A 6 -1.53 13.93 -1.71
C LEU A 6 -2.42 14.88 -2.49
N SER A 7 -2.48 16.14 -2.06
CA SER A 7 -3.30 17.14 -2.72
C SER A 7 -2.91 17.28 -4.19
N PHE A 8 -3.72 16.69 -5.06
CA PHE A 8 -3.47 16.75 -6.50
C PHE A 8 -4.78 16.81 -7.28
N GLU A 9 -4.66 16.91 -8.60
CA GLU A 9 -5.83 16.97 -9.47
C GLU A 9 -6.62 15.67 -9.42
N ALA A 10 -6.09 14.64 -10.08
CA ALA A 10 -6.74 13.34 -10.12
C ALA A 10 -5.91 12.34 -10.91
N LYS A 11 -5.93 11.09 -10.46
CA LYS A 11 -5.17 10.02 -11.13
C LYS A 11 -3.67 10.29 -11.05
N GLY A 12 -3.28 11.14 -10.10
CA GLY A 12 -1.87 11.47 -9.94
C GLY A 12 -1.14 10.43 -9.11
N ILE A 13 -1.22 9.17 -9.52
CA ILE A 13 -0.55 8.09 -8.81
C ILE A 13 0.82 7.79 -9.41
N ALA A 14 1.81 7.62 -8.55
CA ALA A 14 3.17 7.32 -9.01
C ALA A 14 3.59 5.93 -8.58
N VAL A 15 2.64 4.99 -8.60
CA VAL A 15 2.92 3.62 -8.22
C VAL A 15 2.22 2.63 -9.15
N ASN A 16 2.92 1.56 -9.49
CA ASN A 16 2.37 0.54 -10.39
C ASN A 16 2.61 -0.86 -9.83
N HIS A 17 2.74 -0.95 -8.51
CA HIS A 17 2.97 -2.24 -7.85
C HIS A 17 2.91 -2.08 -6.34
N SER A 18 2.36 -3.11 -5.66
CA SER A 18 2.24 -3.08 -4.21
C SER A 18 3.17 -4.11 -3.58
N ALA A 19 4.46 -3.78 -3.50
CA ALA A 19 5.44 -4.67 -2.92
C ALA A 19 5.23 -4.82 -1.42
N CYS A 20 4.79 -3.74 -0.78
CA CYS A 20 4.54 -3.76 0.66
C CYS A 20 3.60 -4.90 1.04
N ALA A 21 2.46 -4.99 0.35
CA ALA A 21 1.48 -6.02 0.61
C ALA A 21 2.11 -7.41 0.49
N LEU A 22 2.59 -7.74 -0.71
CA LEU A 22 3.21 -9.03 -0.97
C LEU A 22 4.30 -9.32 0.06
N HIS A 23 5.04 -8.28 0.45
CA HIS A 23 6.11 -8.43 1.43
C HIS A 23 5.55 -8.94 2.76
N CYS A 24 4.62 -8.19 3.34
CA CYS A 24 4.01 -8.57 4.61
C CYS A 24 3.43 -9.98 4.54
N ILE A 25 2.77 -10.28 3.42
CA ILE A 25 2.15 -11.59 3.23
C ILE A 25 3.20 -12.70 3.29
N ALA A 26 4.06 -12.74 2.27
CA ALA A 26 5.10 -13.75 2.21
C ALA A 26 5.93 -13.78 3.50
N LEU A 27 6.02 -12.62 4.15
CA LEU A 27 6.78 -12.50 5.39
C LEU A 27 6.08 -13.26 6.52
N ARG A 28 5.01 -12.67 7.05
CA ARG A 28 4.26 -13.28 8.13
C ARG A 28 2.80 -12.82 8.10
N LYS A 29 2.20 -12.87 6.92
CA LYS A 29 0.81 -12.46 6.76
C LYS A 29 0.16 -13.20 5.59
N LYS A 30 -1.11 -12.90 5.33
CA LYS A 30 -1.85 -13.54 4.24
C LYS A 30 -2.60 -12.50 3.42
N GLY A 31 -3.27 -11.58 4.11
CA GLY A 31 -4.02 -10.54 3.42
C GLY A 31 -3.25 -9.24 3.30
N GLY A 32 -3.85 -8.27 2.62
CA GLY A 32 -3.18 -6.99 2.44
C GLY A 32 -4.15 -5.91 2.00
N SER A 33 -4.07 -4.75 2.64
CA SER A 33 -4.94 -3.63 2.32
C SER A 33 -4.26 -2.30 2.63
N CYS A 34 -4.97 -1.20 2.36
CA CYS A 34 -4.43 0.13 2.61
C CYS A 34 -5.50 1.05 3.17
N GLN A 35 -5.14 1.82 4.19
CA GLN A 35 -6.08 2.75 4.82
C GLN A 35 -5.39 4.07 5.16
N ASN A 36 -6.12 5.17 5.04
CA ASN A 36 -5.59 6.48 5.34
C ASN A 36 -4.33 6.75 4.51
N GLY A 37 -4.23 6.11 3.35
CA GLY A 37 -3.08 6.29 2.49
C GLY A 37 -1.85 5.58 3.02
N VAL A 38 -2.05 4.61 3.91
CA VAL A 38 -0.95 3.85 4.49
C VAL A 38 -1.13 2.36 4.25
N CYS A 39 -0.02 1.68 3.97
CA CYS A 39 -0.05 0.24 3.72
C CYS A 39 -0.23 -0.53 5.03
N VAL A 40 -1.20 -1.45 5.04
CA VAL A 40 -1.47 -2.25 6.22
C VAL A 40 -1.87 -3.68 5.83
N CYS A 41 -1.11 -4.65 6.32
CA CYS A 41 -1.39 -6.05 6.03
C CYS A 41 -2.21 -6.69 7.15
N ARG A 42 -3.17 -7.52 6.76
CA ARG A 42 -4.03 -8.19 7.72
C ARG A 42 -4.06 -9.70 7.47
N ASN A 43 -4.69 -10.43 8.37
CA ASN A 43 -4.78 -11.89 8.26
C ASN A 43 -6.22 -12.31 8.01
N VAL A 1 -2.82 -1.53 -6.07
CA VAL A 1 -2.66 -0.09 -5.96
C VAL A 1 -2.74 0.37 -4.51
N THR A 2 -1.96 1.40 -4.17
CA THR A 2 -1.95 1.94 -2.82
C THR A 2 -2.97 3.05 -2.65
N CYS A 3 -3.21 3.44 -1.40
CA CYS A 3 -4.17 4.49 -1.11
C CYS A 3 -3.51 5.87 -1.19
N ASP A 4 -2.89 6.15 -2.32
CA ASP A 4 -2.21 7.43 -2.54
C ASP A 4 -3.22 8.57 -2.56
N VAL A 5 -3.49 9.16 -1.39
CA VAL A 5 -4.43 10.26 -1.29
C VAL A 5 -3.74 11.53 -0.82
N LEU A 6 -2.55 11.37 -0.24
CA LEU A 6 -1.78 12.51 0.25
C LEU A 6 -1.64 13.58 -0.82
N SER A 7 -1.16 14.76 -0.41
CA SER A 7 -0.99 15.87 -1.34
C SER A 7 0.00 15.50 -2.45
N PHE A 8 0.41 16.50 -3.22
CA PHE A 8 1.35 16.29 -4.31
C PHE A 8 0.79 15.29 -5.32
N GLU A 9 1.58 14.98 -6.35
CA GLU A 9 1.17 14.04 -7.38
C GLU A 9 1.02 12.63 -6.80
N ALA A 10 -0.18 12.32 -6.31
CA ALA A 10 -0.45 11.01 -5.74
C ALA A 10 -1.94 10.83 -5.47
N LYS A 11 -2.69 10.45 -6.50
CA LYS A 11 -4.13 10.24 -6.39
C LYS A 11 -4.52 8.83 -6.82
N GLY A 12 -3.95 7.83 -6.14
CA GLY A 12 -4.25 6.46 -6.47
C GLY A 12 -3.91 6.11 -7.90
N ILE A 13 -2.64 6.25 -8.26
CA ILE A 13 -2.18 5.95 -9.61
C ILE A 13 -2.64 4.57 -10.04
N ALA A 14 -3.11 4.47 -11.28
CA ALA A 14 -3.57 3.20 -11.83
C ALA A 14 -2.40 2.36 -12.32
N VAL A 15 -1.51 1.98 -11.40
CA VAL A 15 -0.35 1.17 -11.75
C VAL A 15 0.02 0.23 -10.62
N ASN A 16 0.56 -0.94 -10.98
CA ASN A 16 0.97 -1.93 -9.98
C ASN A 16 2.02 -1.37 -9.04
N HIS A 17 1.59 -0.89 -7.89
CA HIS A 17 2.50 -0.33 -6.89
C HIS A 17 2.17 -0.84 -5.50
N SER A 18 2.02 -2.16 -5.37
CA SER A 18 1.70 -2.77 -4.09
C SER A 18 2.97 -3.25 -3.38
N ALA A 19 3.76 -2.29 -2.90
CA ALA A 19 5.01 -2.61 -2.20
C ALA A 19 4.72 -3.14 -0.79
N CYS A 20 4.04 -2.32 0.01
CA CYS A 20 3.71 -2.70 1.39
C CYS A 20 3.00 -4.05 1.41
N ALA A 21 2.18 -4.31 0.39
CA ALA A 21 1.44 -5.56 0.31
C ALA A 21 2.39 -6.74 0.13
N LEU A 22 3.01 -6.83 -1.05
CA LEU A 22 3.95 -7.91 -1.34
C LEU A 22 5.00 -8.03 -0.25
N HIS A 23 5.36 -6.90 0.36
CA HIS A 23 6.36 -6.88 1.42
C HIS A 23 5.86 -7.63 2.64
N CYS A 24 4.85 -7.07 3.31
CA CYS A 24 4.28 -7.69 4.50
C CYS A 24 3.89 -9.14 4.24
N ILE A 25 3.21 -9.36 3.12
CA ILE A 25 2.78 -10.70 2.75
C ILE A 25 3.96 -11.66 2.66
N ALA A 26 4.85 -11.41 1.69
CA ALA A 26 6.02 -12.25 1.50
C ALA A 26 6.81 -12.40 2.80
N LEU A 27 6.76 -11.36 3.64
CA LEU A 27 7.46 -11.38 4.91
C LEU A 27 6.85 -12.40 5.86
N ARG A 28 5.67 -12.09 6.38
CA ARG A 28 4.98 -12.98 7.31
C ARG A 28 3.48 -12.67 7.35
N LYS A 29 2.89 -12.49 6.17
CA LYS A 29 1.47 -12.19 6.07
C LYS A 29 0.87 -12.80 4.81
N LYS A 30 -0.44 -12.62 4.63
CA LYS A 30 -1.12 -13.16 3.46
C LYS A 30 -1.99 -12.09 2.80
N GLY A 31 -2.61 -11.24 3.61
CA GLY A 31 -3.44 -10.19 3.08
C GLY A 31 -2.82 -8.81 3.25
N GLY A 32 -3.42 -7.81 2.62
CA GLY A 32 -2.90 -6.45 2.71
C GLY A 32 -3.94 -5.42 2.34
N SER A 33 -3.86 -4.25 2.98
CA SER A 33 -4.80 -3.17 2.72
C SER A 33 -4.15 -1.81 2.97
N CYS A 34 -4.92 -0.74 2.76
CA CYS A 34 -4.42 0.61 2.96
C CYS A 34 -5.53 1.52 3.49
N GLN A 35 -5.18 2.36 4.46
CA GLN A 35 -6.14 3.29 5.06
C GLN A 35 -5.42 4.50 5.65
N ASN A 36 -6.12 5.62 5.69
CA ASN A 36 -5.55 6.86 6.24
C ASN A 36 -4.23 7.19 5.56
N GLY A 37 -4.18 6.99 4.25
CA GLY A 37 -2.97 7.28 3.51
C GLY A 37 -1.77 6.47 3.99
N VAL A 38 -2.05 5.39 4.70
CA VAL A 38 -1.00 4.52 5.22
C VAL A 38 -1.29 3.06 4.92
N CYS A 39 -0.26 2.33 4.53
CA CYS A 39 -0.40 0.91 4.22
C CYS A 39 -0.53 0.08 5.49
N VAL A 40 -1.36 -0.95 5.44
CA VAL A 40 -1.57 -1.82 6.60
C VAL A 40 -1.58 -3.29 6.18
N CYS A 41 -1.26 -4.17 7.12
CA CYS A 41 -1.22 -5.60 6.85
C CYS A 41 -2.46 -6.29 7.41
N ARG A 42 -2.78 -7.46 6.86
CA ARG A 42 -3.95 -8.21 7.32
C ARG A 42 -3.80 -9.69 6.97
N ASN A 43 -4.48 -10.54 7.71
CA ASN A 43 -4.43 -11.98 7.48
C ASN A 43 -5.58 -12.43 6.59
N VAL A 1 2.64 8.00 4.06
CA VAL A 1 3.90 8.19 3.36
C VAL A 1 4.16 7.07 2.36
N THR A 2 3.65 5.88 2.67
CA THR A 2 3.83 4.72 1.80
C THR A 2 2.62 4.53 0.89
N CYS A 3 1.42 4.55 1.48
CA CYS A 3 0.19 4.39 0.72
C CYS A 3 -0.31 5.73 0.21
N ASP A 4 0.09 6.80 0.87
CA ASP A 4 -0.31 8.15 0.48
C ASP A 4 0.37 8.58 -0.80
N VAL A 5 -0.37 8.52 -1.91
CA VAL A 5 0.16 8.90 -3.21
C VAL A 5 -0.58 10.10 -3.79
N LEU A 6 -0.37 11.27 -3.19
CA LEU A 6 -1.03 12.49 -3.64
C LEU A 6 -0.02 13.62 -3.79
N SER A 7 1.10 13.34 -4.45
CA SER A 7 2.14 14.33 -4.66
C SER A 7 1.85 15.17 -5.90
N PHE A 8 1.10 14.60 -6.83
CA PHE A 8 0.76 15.28 -8.08
C PHE A 8 -0.55 14.75 -8.65
N GLU A 9 -1.12 15.49 -9.59
CA GLU A 9 -2.38 15.09 -10.22
C GLU A 9 -2.13 14.40 -11.55
N ALA A 10 -0.94 13.80 -11.68
CA ALA A 10 -0.57 13.11 -12.91
C ALA A 10 -0.24 11.65 -12.64
N LYS A 11 -0.18 11.29 -11.35
CA LYS A 11 0.11 9.92 -10.95
C LYS A 11 -0.90 9.42 -9.94
N GLY A 12 -2.09 10.02 -9.96
CA GLY A 12 -3.14 9.61 -9.03
C GLY A 12 -4.24 8.83 -9.71
N ILE A 13 -3.86 7.81 -10.47
CA ILE A 13 -4.82 6.98 -11.18
C ILE A 13 -5.39 5.89 -10.27
N ALA A 14 -6.67 5.58 -10.45
CA ALA A 14 -7.32 4.55 -9.64
C ALA A 14 -6.68 3.19 -9.87
N VAL A 15 -5.74 2.85 -9.00
CA VAL A 15 -5.04 1.57 -9.09
C VAL A 15 -4.83 0.95 -7.72
N ASN A 16 -4.77 -0.37 -7.68
CA ASN A 16 -4.57 -1.09 -6.40
C ASN A 16 -3.21 -1.78 -6.39
N HIS A 17 -2.15 -0.99 -6.26
CA HIS A 17 -0.80 -1.52 -6.22
C HIS A 17 0.00 -0.89 -5.08
N SER A 18 0.66 -1.74 -4.29
CA SER A 18 1.46 -1.28 -3.17
C SER A 18 2.57 -2.27 -2.84
N ALA A 19 3.75 -1.73 -2.54
CA ALA A 19 4.90 -2.57 -2.21
C ALA A 19 4.80 -3.10 -0.79
N CYS A 20 4.41 -2.24 0.14
CA CYS A 20 4.27 -2.62 1.54
C CYS A 20 3.41 -3.87 1.68
N ALA A 21 2.34 -3.94 0.90
CA ALA A 21 1.43 -5.08 0.93
C ALA A 21 2.17 -6.36 0.56
N LEU A 22 2.69 -6.42 -0.66
CA LEU A 22 3.40 -7.59 -1.14
C LEU A 22 4.51 -8.00 -0.16
N HIS A 23 5.19 -7.00 0.39
CA HIS A 23 6.26 -7.24 1.34
C HIS A 23 5.75 -8.03 2.55
N CYS A 24 4.81 -7.42 3.28
CA CYS A 24 4.23 -8.06 4.46
C CYS A 24 3.74 -9.47 4.13
N ILE A 25 3.02 -9.59 3.02
CA ILE A 25 2.49 -10.88 2.60
C ILE A 25 3.59 -11.93 2.53
N ALA A 26 4.57 -11.70 1.66
CA ALA A 26 5.69 -12.63 1.50
C ALA A 26 6.40 -12.86 2.84
N LEU A 27 6.38 -11.85 3.69
CA LEU A 27 7.02 -11.95 5.00
C LEU A 27 6.34 -13.02 5.86
N ARG A 28 5.10 -12.77 6.23
CA ARG A 28 4.35 -13.72 7.06
C ARG A 28 2.85 -13.38 7.04
N LYS A 29 2.39 -12.83 5.92
CA LYS A 29 0.99 -12.47 5.77
C LYS A 29 0.40 -13.08 4.50
N LYS A 30 -0.89 -12.84 4.28
CA LYS A 30 -1.57 -13.35 3.10
C LYS A 30 -2.36 -12.26 2.40
N GLY A 31 -3.09 -11.46 3.19
CA GLY A 31 -3.89 -10.39 2.63
C GLY A 31 -3.25 -9.03 2.86
N GLY A 32 -3.76 -8.02 2.16
CA GLY A 32 -3.23 -6.68 2.29
C GLY A 32 -4.24 -5.61 1.92
N SER A 33 -4.34 -4.57 2.75
CA SER A 33 -5.27 -3.48 2.50
C SER A 33 -4.74 -2.17 3.06
N CYS A 34 -5.21 -1.06 2.51
CA CYS A 34 -4.78 0.27 2.94
C CYS A 34 -5.95 1.05 3.52
N GLN A 35 -5.74 1.63 4.69
CA GLN A 35 -6.78 2.42 5.35
C GLN A 35 -6.27 3.81 5.70
N ASN A 36 -7.06 4.83 5.37
CA ASN A 36 -6.68 6.21 5.65
C ASN A 36 -5.29 6.52 5.10
N GLY A 37 -4.96 5.92 3.97
CA GLY A 37 -3.66 6.13 3.36
C GLY A 37 -2.54 5.48 4.14
N VAL A 38 -2.86 4.40 4.84
CA VAL A 38 -1.86 3.68 5.64
C VAL A 38 -1.83 2.20 5.26
N CYS A 39 -0.62 1.66 5.15
CA CYS A 39 -0.44 0.26 4.79
C CYS A 39 -0.84 -0.66 5.95
N VAL A 40 -1.80 -1.55 5.70
CA VAL A 40 -2.26 -2.47 6.72
C VAL A 40 -2.40 -3.88 6.15
N CYS A 41 -1.40 -4.72 6.43
CA CYS A 41 -1.41 -6.10 5.96
C CYS A 41 -2.15 -7.01 6.93
N ARG A 42 -3.01 -7.87 6.40
CA ARG A 42 -3.79 -8.80 7.23
C ARG A 42 -3.41 -10.24 6.90
N ASN A 43 -3.69 -11.14 7.85
CA ASN A 43 -3.38 -12.56 7.67
C ASN A 43 -4.47 -13.24 6.84
N VAL A 1 4.11 8.16 7.67
CA VAL A 1 4.41 9.31 6.81
C VAL A 1 4.68 8.85 5.37
N THR A 2 4.04 7.75 4.97
CA THR A 2 4.21 7.23 3.63
C THR A 2 2.91 7.28 2.84
N CYS A 3 1.79 7.14 3.54
CA CYS A 3 0.48 7.17 2.91
C CYS A 3 -0.17 8.54 3.11
N ASP A 4 0.63 9.59 3.00
CA ASP A 4 0.12 10.95 3.16
C ASP A 4 0.18 11.71 1.84
N VAL A 5 1.10 11.31 0.97
CA VAL A 5 1.25 11.96 -0.33
C VAL A 5 -0.05 11.95 -1.11
N LEU A 6 -0.91 10.98 -0.80
CA LEU A 6 -2.20 10.86 -1.47
C LEU A 6 -2.02 10.84 -2.99
N SER A 7 -1.05 10.06 -3.45
CA SER A 7 -0.78 9.94 -4.88
C SER A 7 -1.04 8.52 -5.38
N PHE A 8 -2.15 7.94 -4.94
CA PHE A 8 -2.51 6.59 -5.34
C PHE A 8 -3.77 6.59 -6.19
N GLU A 9 -4.62 7.59 -5.99
CA GLU A 9 -5.86 7.71 -6.75
C GLU A 9 -5.58 8.09 -8.20
N ALA A 10 -5.24 7.09 -9.01
CA ALA A 10 -4.95 7.33 -10.42
C ALA A 10 -4.68 6.01 -11.14
N LYS A 11 -5.57 5.65 -12.07
CA LYS A 11 -5.42 4.42 -12.84
C LYS A 11 -4.94 4.72 -14.26
N GLY A 12 -4.08 5.73 -14.39
CA GLY A 12 -3.58 6.10 -15.70
C GLY A 12 -2.12 5.70 -15.88
N ILE A 13 -1.42 5.47 -14.77
CA ILE A 13 -0.02 5.08 -14.82
C ILE A 13 0.13 3.57 -14.91
N ALA A 14 -0.87 2.85 -14.38
CA ALA A 14 -0.85 1.40 -14.41
C ALA A 14 0.32 0.84 -13.61
N VAL A 15 0.68 1.54 -12.53
CA VAL A 15 1.78 1.12 -11.67
C VAL A 15 1.43 1.30 -10.21
N ASN A 16 2.00 0.44 -9.36
CA ASN A 16 1.75 0.51 -7.92
C ASN A 16 2.86 1.25 -7.21
N HIS A 17 2.48 2.27 -6.43
CA HIS A 17 3.45 3.07 -5.69
C HIS A 17 3.33 2.82 -4.19
N SER A 18 3.17 1.55 -3.81
CA SER A 18 3.04 1.17 -2.42
C SER A 18 3.97 0.00 -2.08
N ALA A 19 5.21 0.32 -1.74
CA ALA A 19 6.19 -0.70 -1.38
C ALA A 19 5.74 -1.50 -0.17
N CYS A 20 5.13 -0.81 0.80
CA CYS A 20 4.66 -1.46 2.02
C CYS A 20 3.67 -2.59 1.68
N ALA A 21 2.79 -2.33 0.73
CA ALA A 21 1.80 -3.31 0.32
C ALA A 21 2.47 -4.59 -0.19
N LEU A 22 3.10 -4.49 -1.35
CA LEU A 22 3.78 -5.64 -1.95
C LEU A 22 4.74 -6.28 -0.94
N HIS A 23 5.29 -5.46 -0.05
CA HIS A 23 6.22 -5.95 0.97
C HIS A 23 5.54 -6.94 1.90
N CYS A 24 4.52 -6.47 2.60
CA CYS A 24 3.77 -7.32 3.53
C CYS A 24 3.22 -8.55 2.83
N ILE A 25 2.67 -8.34 1.63
CA ILE A 25 2.10 -9.44 0.86
C ILE A 25 3.15 -10.50 0.57
N ALA A 26 4.15 -10.15 -0.24
CA ALA A 26 5.21 -11.09 -0.58
C ALA A 26 5.86 -11.67 0.67
N LEU A 27 5.87 -10.88 1.74
CA LEU A 27 6.47 -11.32 2.99
C LEU A 27 5.67 -12.46 3.61
N ARG A 28 4.49 -12.15 4.13
CA ARG A 28 3.63 -13.16 4.73
C ARG A 28 2.19 -12.68 4.78
N LYS A 29 1.70 -12.18 3.64
CA LYS A 29 0.33 -11.70 3.54
C LYS A 29 -0.19 -11.83 2.11
N LYS A 30 -1.47 -11.49 1.92
CA LYS A 30 -2.08 -11.57 0.61
C LYS A 30 -2.77 -10.26 0.25
N GLY A 31 -3.39 -9.63 1.24
CA GLY A 31 -4.07 -8.37 1.02
C GLY A 31 -3.35 -7.19 1.65
N GLY A 32 -3.72 -5.98 1.24
CA GLY A 32 -3.09 -4.79 1.78
C GLY A 32 -3.89 -3.53 1.48
N SER A 33 -4.02 -2.67 2.49
CA SER A 33 -4.76 -1.42 2.32
C SER A 33 -4.24 -0.36 3.29
N CYS A 34 -4.44 0.91 2.92
CA CYS A 34 -4.00 2.02 3.75
C CYS A 34 -5.12 2.50 4.68
N GLN A 35 -4.81 2.60 5.96
CA GLN A 35 -5.80 3.04 6.94
C GLN A 35 -5.23 4.17 7.81
N ASN A 36 -6.02 5.22 8.00
CA ASN A 36 -5.60 6.36 8.80
C ASN A 36 -4.25 6.89 8.31
N GLY A 37 -4.13 7.05 7.00
CA GLY A 37 -2.89 7.57 6.44
C GLY A 37 -1.69 6.68 6.77
N VAL A 38 -1.96 5.44 7.14
CA VAL A 38 -0.91 4.50 7.48
C VAL A 38 -1.15 3.14 6.84
N CYS A 39 -0.12 2.61 6.18
CA CYS A 39 -0.22 1.31 5.52
C CYS A 39 -0.64 0.23 6.50
N VAL A 40 -1.53 -0.66 6.05
CA VAL A 40 -2.01 -1.74 6.89
C VAL A 40 -2.11 -3.04 6.11
N CYS A 41 -1.67 -4.14 6.71
CA CYS A 41 -1.71 -5.44 6.07
C CYS A 41 -3.03 -6.15 6.35
N ARG A 42 -3.51 -6.91 5.38
CA ARG A 42 -4.78 -7.64 5.52
C ARG A 42 -4.73 -8.96 4.77
N ASN A 43 -5.64 -9.87 5.11
CA ASN A 43 -5.70 -11.17 4.48
C ASN A 43 -6.67 -11.16 3.30
N VAL A 1 3.39 11.21 6.34
CA VAL A 1 4.04 11.66 5.11
C VAL A 1 4.68 10.48 4.37
N THR A 2 4.13 9.29 4.57
CA THR A 2 4.65 8.08 3.93
C THR A 2 3.52 7.27 3.31
N CYS A 3 2.64 6.75 4.16
CA CYS A 3 1.52 5.95 3.69
C CYS A 3 0.24 6.79 3.61
N ASP A 4 0.34 7.95 2.96
CA ASP A 4 -0.81 8.83 2.82
C ASP A 4 -1.49 8.62 1.47
N VAL A 5 -1.42 7.40 0.97
CA VAL A 5 -2.04 7.06 -0.30
C VAL A 5 -3.51 6.71 -0.13
N LEU A 6 -4.34 7.74 0.03
CA LEU A 6 -5.79 7.54 0.20
C LEU A 6 -6.51 7.67 -1.12
N SER A 7 -5.79 7.46 -2.22
CA SER A 7 -6.36 7.55 -3.56
C SER A 7 -5.48 6.86 -4.59
N PHE A 8 -5.87 5.66 -5.00
CA PHE A 8 -5.11 4.90 -5.98
C PHE A 8 -5.26 5.50 -7.37
N GLU A 9 -4.38 5.09 -8.29
CA GLU A 9 -4.41 5.59 -9.65
C GLU A 9 -4.27 4.46 -10.66
N ALA A 10 -5.31 4.25 -11.47
CA ALA A 10 -5.29 3.20 -12.47
C ALA A 10 -4.76 3.71 -13.81
N LYS A 11 -3.49 3.48 -14.07
CA LYS A 11 -2.86 3.91 -15.31
C LYS A 11 -1.46 3.32 -15.45
N GLY A 12 -1.08 2.99 -16.69
CA GLY A 12 0.23 2.43 -16.93
C GLY A 12 1.29 3.49 -17.15
N ILE A 13 1.34 4.47 -16.25
CA ILE A 13 2.32 5.55 -16.35
C ILE A 13 2.93 5.86 -14.99
N ALA A 14 2.09 5.87 -13.95
CA ALA A 14 2.54 6.14 -12.60
C ALA A 14 3.09 4.88 -11.93
N VAL A 15 3.58 5.03 -10.70
CA VAL A 15 4.14 3.91 -9.96
C VAL A 15 3.74 3.98 -8.48
N ASN A 16 3.61 2.82 -7.86
CA ASN A 16 3.23 2.74 -6.46
C ASN A 16 4.44 2.96 -5.55
N HIS A 17 4.30 3.85 -4.58
CA HIS A 17 5.38 4.16 -3.65
C HIS A 17 5.11 3.52 -2.29
N SER A 18 4.42 2.39 -2.29
CA SER A 18 4.10 1.69 -1.06
C SER A 18 4.76 0.31 -1.02
N ALA A 19 6.04 0.29 -0.66
CA ALA A 19 6.79 -0.95 -0.58
C ALA A 19 6.27 -1.84 0.54
N CYS A 20 5.95 -1.22 1.67
CA CYS A 20 5.44 -1.96 2.82
C CYS A 20 4.20 -2.77 2.45
N ALA A 21 3.28 -2.14 1.73
CA ALA A 21 2.05 -2.80 1.30
C ALA A 21 2.36 -4.03 0.46
N LEU A 22 2.91 -3.81 -0.73
CA LEU A 22 3.25 -4.91 -1.63
C LEU A 22 4.10 -5.96 -0.91
N HIS A 23 4.96 -5.50 -0.01
CA HIS A 23 5.83 -6.40 0.75
C HIS A 23 5.00 -7.41 1.54
N CYS A 24 4.21 -6.92 2.49
CA CYS A 24 3.37 -7.77 3.31
C CYS A 24 2.45 -8.63 2.45
N ILE A 25 1.82 -8.01 1.47
CA ILE A 25 0.91 -8.71 0.56
C ILE A 25 1.59 -9.93 -0.05
N ALA A 26 2.66 -9.68 -0.81
CA ALA A 26 3.39 -10.76 -1.45
C ALA A 26 3.93 -11.76 -0.42
N LEU A 27 4.20 -11.26 0.78
CA LEU A 27 4.72 -12.11 1.85
C LEU A 27 3.72 -13.20 2.21
N ARG A 28 2.57 -12.79 2.73
CA ARG A 28 1.52 -13.74 3.13
C ARG A 28 0.21 -13.01 3.41
N LYS A 29 -0.02 -11.92 2.68
CA LYS A 29 -1.24 -11.14 2.84
C LYS A 29 -1.96 -10.96 1.51
N LYS A 30 -3.20 -10.49 1.57
CA LYS A 30 -4.01 -10.27 0.37
C LYS A 30 -4.36 -8.81 0.21
N GLY A 31 -4.80 -8.19 1.30
CA GLY A 31 -5.17 -6.78 1.26
C GLY A 31 -4.15 -5.89 1.94
N GLY A 32 -4.30 -4.59 1.77
CA GLY A 32 -3.38 -3.65 2.38
C GLY A 32 -3.93 -2.24 2.46
N SER A 33 -3.56 -1.51 3.51
CA SER A 33 -4.04 -0.15 3.70
C SER A 33 -3.12 0.62 4.64
N CYS A 34 -3.46 1.88 4.89
CA CYS A 34 -2.67 2.72 5.77
C CYS A 34 -3.51 3.26 6.92
N GLN A 35 -2.85 3.65 8.01
CA GLN A 35 -3.55 4.18 9.17
C GLN A 35 -2.57 4.85 10.13
N ASN A 36 -2.96 6.02 10.64
CA ASN A 36 -2.12 6.77 11.56
C ASN A 36 -0.73 6.99 10.98
N GLY A 37 -0.68 7.36 9.70
CA GLY A 37 0.59 7.60 9.04
C GLY A 37 1.48 6.37 9.03
N VAL A 38 0.87 5.21 9.25
CA VAL A 38 1.62 3.96 9.27
C VAL A 38 0.98 2.92 8.36
N CYS A 39 1.82 2.16 7.66
CA CYS A 39 1.33 1.13 6.75
C CYS A 39 0.81 -0.09 7.53
N VAL A 40 -0.30 -0.65 7.05
CA VAL A 40 -0.91 -1.80 7.70
C VAL A 40 -1.49 -2.76 6.66
N CYS A 41 -1.01 -4.00 6.67
CA CYS A 41 -1.49 -5.01 5.75
C CYS A 41 -2.58 -5.87 6.37
N ARG A 42 -3.62 -6.15 5.61
CA ARG A 42 -4.74 -6.95 6.10
C ARG A 42 -5.05 -8.09 5.13
N ASN A 43 -5.96 -8.97 5.53
CA ASN A 43 -6.36 -10.10 4.70
C ASN A 43 -7.63 -9.78 3.91
N VAL A 1 5.69 8.15 2.58
CA VAL A 1 5.77 7.64 1.21
C VAL A 1 5.31 6.19 1.13
N THR A 2 4.39 5.82 2.03
CA THR A 2 3.87 4.46 2.06
C THR A 2 2.34 4.45 1.98
N CYS A 3 1.72 5.36 2.73
CA CYS A 3 0.27 5.46 2.75
C CYS A 3 -0.26 5.98 1.42
N ASP A 4 -0.44 5.08 0.46
CA ASP A 4 -0.95 5.45 -0.85
C ASP A 4 -2.30 6.15 -0.74
N VAL A 5 -2.36 7.38 -1.22
CA VAL A 5 -3.60 8.16 -1.18
C VAL A 5 -4.22 8.28 -2.56
N LEU A 6 -4.38 7.15 -3.24
CA LEU A 6 -4.96 7.13 -4.57
C LEU A 6 -6.48 7.05 -4.50
N SER A 7 -7.15 8.01 -5.13
CA SER A 7 -8.61 8.04 -5.13
C SER A 7 -9.12 8.83 -6.33
N PHE A 8 -9.67 8.11 -7.31
CA PHE A 8 -10.19 8.74 -8.51
C PHE A 8 -9.10 9.45 -9.29
N GLU A 9 -7.87 8.96 -9.15
CA GLU A 9 -6.72 9.56 -9.84
C GLU A 9 -5.80 8.48 -10.40
N ALA A 10 -5.61 8.51 -11.72
CA ALA A 10 -4.75 7.53 -12.38
C ALA A 10 -3.51 8.20 -12.97
N LYS A 11 -2.78 8.91 -12.13
CA LYS A 11 -1.56 9.60 -12.56
C LYS A 11 -0.39 9.27 -11.66
N GLY A 12 0.58 8.55 -12.19
CA GLY A 12 1.75 8.18 -11.41
C GLY A 12 1.53 6.92 -10.61
N ILE A 13 1.28 5.81 -11.31
CA ILE A 13 1.05 4.53 -10.65
C ILE A 13 2.34 3.73 -10.54
N ALA A 14 3.25 3.97 -11.46
CA ALA A 14 4.55 3.27 -11.46
C ALA A 14 5.55 4.01 -10.58
N VAL A 15 5.37 3.90 -9.27
CA VAL A 15 6.27 4.55 -8.33
C VAL A 15 7.01 3.53 -7.47
N ASN A 16 6.33 2.43 -7.17
CA ASN A 16 6.90 1.37 -6.35
C ASN A 16 7.28 1.89 -4.97
N HIS A 17 6.38 2.67 -4.37
CA HIS A 17 6.62 3.23 -3.05
C HIS A 17 5.76 2.53 -2.00
N SER A 18 5.37 1.29 -2.29
CA SER A 18 4.54 0.52 -1.37
C SER A 18 5.20 -0.83 -1.06
N ALA A 19 6.49 -0.80 -0.79
CA ALA A 19 7.23 -2.02 -0.48
C ALA A 19 6.58 -2.78 0.68
N CYS A 20 6.20 -2.05 1.72
CA CYS A 20 5.56 -2.66 2.88
C CYS A 20 4.33 -3.46 2.47
N ALA A 21 3.53 -2.89 1.58
CA ALA A 21 2.33 -3.55 1.10
C ALA A 21 2.66 -4.87 0.41
N LEU A 22 3.32 -4.78 -0.74
CA LEU A 22 3.70 -5.98 -1.51
C LEU A 22 4.44 -6.97 -0.62
N HIS A 23 5.21 -6.44 0.33
CA HIS A 23 5.97 -7.29 1.25
C HIS A 23 5.03 -8.16 2.08
N CYS A 24 4.23 -7.52 2.92
CA CYS A 24 3.28 -8.24 3.77
C CYS A 24 2.44 -9.21 2.96
N ILE A 25 1.84 -8.70 1.88
CA ILE A 25 1.00 -9.52 1.02
C ILE A 25 1.74 -10.78 0.57
N ALA A 26 2.78 -10.57 -0.23
CA ALA A 26 3.58 -11.68 -0.74
C ALA A 26 4.05 -12.59 0.39
N LEU A 27 4.23 -12.01 1.57
CA LEU A 27 4.67 -12.76 2.73
C LEU A 27 3.60 -13.75 3.18
N ARG A 28 2.56 -13.24 3.83
CA ARG A 28 1.47 -14.07 4.30
C ARG A 28 0.16 -13.29 4.38
N LYS A 29 0.00 -12.34 3.46
CA LYS A 29 -1.20 -11.51 3.42
C LYS A 29 -1.75 -11.42 2.00
N LYS A 30 -2.82 -10.66 1.84
CA LYS A 30 -3.45 -10.49 0.53
C LYS A 30 -3.57 -9.00 0.19
N GLY A 31 -3.90 -8.20 1.18
CA GLY A 31 -4.04 -6.76 0.96
C GLY A 31 -3.29 -5.94 2.00
N GLY A 32 -3.43 -4.62 1.90
CA GLY A 32 -2.75 -3.74 2.84
C GLY A 32 -3.32 -2.34 2.82
N SER A 33 -3.21 -1.64 3.95
CA SER A 33 -3.72 -0.28 4.07
C SER A 33 -2.82 0.56 4.98
N CYS A 34 -3.19 1.83 5.15
CA CYS A 34 -2.43 2.73 6.00
C CYS A 34 -3.33 3.43 7.01
N GLN A 35 -2.93 3.41 8.27
CA GLN A 35 -3.71 4.04 9.33
C GLN A 35 -2.78 4.62 10.41
N ASN A 36 -3.15 5.78 10.93
CA ASN A 36 -2.35 6.44 11.97
C ASN A 36 -0.89 6.58 11.53
N GLY A 37 -0.70 6.89 10.25
CA GLY A 37 0.65 7.06 9.73
C GLY A 37 1.46 5.77 9.80
N VAL A 38 0.77 4.65 9.94
CA VAL A 38 1.43 3.35 10.02
C VAL A 38 0.95 2.41 8.91
N CYS A 39 1.84 1.55 8.43
CA CYS A 39 1.51 0.61 7.38
C CYS A 39 0.87 -0.66 7.96
N VAL A 40 -0.43 -0.80 7.77
CA VAL A 40 -1.16 -1.96 8.27
C VAL A 40 -1.36 -2.99 7.16
N CYS A 41 -1.19 -4.26 7.51
CA CYS A 41 -1.35 -5.35 6.55
C CYS A 41 -2.74 -5.98 6.68
N ARG A 42 -3.41 -6.16 5.54
CA ARG A 42 -4.74 -6.75 5.53
C ARG A 42 -4.67 -8.23 5.16
N ASN A 43 -5.10 -9.08 6.10
CA ASN A 43 -5.09 -10.52 5.88
C ASN A 43 -6.49 -11.03 5.55
N VAL A 1 6.67 7.33 7.82
CA VAL A 1 7.06 8.00 6.59
C VAL A 1 7.38 6.98 5.49
N THR A 2 6.36 6.24 5.07
CA THR A 2 6.52 5.24 4.03
C THR A 2 5.49 5.43 2.92
N CYS A 3 4.22 5.43 3.28
CA CYS A 3 3.14 5.61 2.33
C CYS A 3 2.81 7.08 2.14
N ASP A 4 3.83 7.89 1.91
CA ASP A 4 3.65 9.33 1.72
C ASP A 4 2.59 9.60 0.65
N VAL A 5 2.54 8.72 -0.36
CA VAL A 5 1.58 8.87 -1.44
C VAL A 5 0.14 8.85 -0.92
N LEU A 6 -0.42 10.03 -0.73
CA LEU A 6 -1.79 10.16 -0.24
C LEU A 6 -2.67 10.86 -1.26
N SER A 7 -2.31 10.73 -2.53
CA SER A 7 -3.08 11.36 -3.61
C SER A 7 -4.47 10.73 -3.72
N PHE A 8 -5.26 11.25 -4.65
CA PHE A 8 -6.62 10.74 -4.86
C PHE A 8 -6.74 10.05 -6.21
N GLU A 9 -6.45 8.75 -6.23
CA GLU A 9 -6.52 7.97 -7.45
C GLU A 9 -6.47 6.47 -7.15
N ALA A 10 -7.50 5.76 -7.58
CA ALA A 10 -7.57 4.32 -7.36
C ALA A 10 -7.84 3.56 -8.66
N LYS A 11 -6.76 3.14 -9.32
CA LYS A 11 -6.86 2.41 -10.58
C LYS A 11 -5.64 1.53 -10.81
N GLY A 12 -5.67 0.76 -11.89
CA GLY A 12 -4.55 -0.12 -12.20
C GLY A 12 -3.66 0.45 -13.27
N ILE A 13 -3.52 1.77 -13.30
CA ILE A 13 -2.69 2.44 -14.29
C ILE A 13 -1.61 3.29 -13.62
N ALA A 14 -1.97 3.90 -12.50
CA ALA A 14 -1.02 4.74 -11.76
C ALA A 14 0.11 3.91 -11.17
N VAL A 15 1.24 4.54 -10.93
CA VAL A 15 2.41 3.86 -10.37
C VAL A 15 2.44 4.01 -8.86
N ASN A 16 2.97 2.99 -8.18
CA ASN A 16 3.06 3.00 -6.73
C ASN A 16 4.18 2.09 -6.25
N HIS A 17 5.15 2.66 -5.54
CA HIS A 17 6.28 1.89 -5.02
C HIS A 17 6.18 1.73 -3.50
N SER A 18 5.32 0.82 -3.06
CA SER A 18 5.13 0.58 -1.64
C SER A 18 5.72 -0.78 -1.24
N ALA A 19 6.88 -0.74 -0.59
CA ALA A 19 7.54 -1.96 -0.15
C ALA A 19 6.75 -2.64 0.97
N CYS A 20 6.20 -1.84 1.87
CA CYS A 20 5.42 -2.37 2.99
C CYS A 20 4.30 -3.27 2.49
N ALA A 21 3.72 -2.92 1.34
CA ALA A 21 2.65 -3.70 0.77
C ALA A 21 3.14 -5.09 0.33
N LEU A 22 3.96 -5.12 -0.71
CA LEU A 22 4.50 -6.38 -1.22
C LEU A 22 5.14 -7.18 -0.09
N HIS A 23 5.75 -6.49 0.86
CA HIS A 23 6.40 -7.14 1.99
C HIS A 23 5.39 -7.90 2.83
N CYS A 24 4.39 -7.19 3.34
CA CYS A 24 3.35 -7.80 4.16
C CYS A 24 2.71 -8.98 3.44
N ILE A 25 2.32 -8.76 2.20
CA ILE A 25 1.68 -9.81 1.40
C ILE A 25 2.56 -11.05 1.34
N ALA A 26 3.75 -10.90 0.77
CA ALA A 26 4.69 -12.01 0.65
C ALA A 26 4.98 -12.63 2.01
N LEU A 27 4.92 -11.81 3.06
CA LEU A 27 5.18 -12.28 4.41
C LEU A 27 4.13 -13.29 4.84
N ARG A 28 2.90 -12.83 5.01
CA ARG A 28 1.80 -13.71 5.43
C ARG A 28 0.45 -13.04 5.14
N LYS A 29 0.39 -12.28 4.06
CA LYS A 29 -0.85 -11.60 3.68
C LYS A 29 -1.14 -11.78 2.20
N LYS A 30 -2.23 -11.19 1.73
CA LYS A 30 -2.62 -11.29 0.33
C LYS A 30 -2.63 -9.93 -0.34
N GLY A 31 -3.22 -8.95 0.34
CA GLY A 31 -3.29 -7.60 -0.20
C GLY A 31 -2.74 -6.57 0.75
N GLY A 32 -2.73 -5.30 0.32
CA GLY A 32 -2.23 -4.24 1.16
C GLY A 32 -2.90 -2.90 0.88
N SER A 33 -2.83 -1.98 1.83
CA SER A 33 -3.44 -0.67 1.68
C SER A 33 -2.82 0.33 2.65
N CYS A 34 -3.30 1.56 2.60
CA CYS A 34 -2.78 2.62 3.47
C CYS A 34 -3.93 3.49 4.00
N GLN A 35 -3.77 3.98 5.22
CA GLN A 35 -4.78 4.81 5.85
C GLN A 35 -4.16 5.77 6.86
N ASN A 36 -4.50 7.04 6.76
CA ASN A 36 -3.97 8.05 7.66
C ASN A 36 -2.45 8.05 7.65
N GLY A 37 -1.87 7.96 6.45
CA GLY A 37 -0.43 7.95 6.33
C GLY A 37 0.20 6.75 6.99
N VAL A 38 -0.61 5.73 7.28
CA VAL A 38 -0.13 4.52 7.93
C VAL A 38 -0.34 3.31 7.04
N CYS A 39 0.68 2.46 6.93
CA CYS A 39 0.61 1.26 6.12
C CYS A 39 -0.25 0.19 6.80
N VAL A 40 -1.35 -0.18 6.15
CA VAL A 40 -2.25 -1.19 6.71
C VAL A 40 -2.38 -2.37 5.76
N CYS A 41 -2.11 -3.57 6.27
CA CYS A 41 -2.20 -4.79 5.48
C CYS A 41 -3.62 -5.35 5.48
N ARG A 42 -4.03 -5.90 4.35
CA ARG A 42 -5.37 -6.47 4.23
C ARG A 42 -5.32 -7.84 3.55
N ASN A 43 -6.21 -8.74 3.98
CA ASN A 43 -6.25 -10.08 3.44
C ASN A 43 -7.21 -10.15 2.25
N VAL A 1 4.81 12.19 5.18
CA VAL A 1 4.15 10.95 5.60
C VAL A 1 4.74 9.75 4.89
N THR A 2 4.29 8.56 5.28
CA THR A 2 4.77 7.33 4.68
C THR A 2 3.97 6.96 3.43
N CYS A 3 2.72 7.40 3.40
CA CYS A 3 1.83 7.13 2.26
C CYS A 3 1.81 8.31 1.30
N ASP A 4 2.95 8.99 1.17
CA ASP A 4 3.06 10.15 0.29
C ASP A 4 2.71 9.75 -1.15
N VAL A 5 2.84 8.47 -1.46
CA VAL A 5 2.54 7.97 -2.80
C VAL A 5 1.03 7.99 -3.07
N LEU A 6 0.26 8.26 -2.03
CA LEU A 6 -1.20 8.30 -2.16
C LEU A 6 -1.61 9.23 -3.29
N SER A 7 -2.77 8.96 -3.87
CA SER A 7 -3.28 9.76 -4.97
C SER A 7 -4.81 9.86 -4.93
N PHE A 8 -5.39 10.50 -5.93
CA PHE A 8 -6.84 10.65 -6.00
C PHE A 8 -7.50 9.37 -6.48
N GLU A 9 -7.39 9.09 -7.77
CA GLU A 9 -7.97 7.89 -8.35
C GLU A 9 -6.99 6.73 -8.32
N ALA A 10 -6.00 6.78 -9.21
CA ALA A 10 -4.99 5.72 -9.27
C ALA A 10 -5.63 4.36 -9.46
N LYS A 11 -6.56 4.27 -10.42
CA LYS A 11 -7.24 3.01 -10.70
C LYS A 11 -6.52 2.22 -11.79
N GLY A 12 -5.67 1.29 -11.37
CA GLY A 12 -4.94 0.48 -12.33
C GLY A 12 -3.59 1.08 -12.68
N ILE A 13 -2.99 1.77 -11.72
CA ILE A 13 -1.68 2.40 -11.94
C ILE A 13 -0.57 1.56 -11.35
N ALA A 14 0.50 1.39 -12.12
CA ALA A 14 1.65 0.61 -11.68
C ALA A 14 2.51 1.39 -10.70
N VAL A 15 2.40 1.05 -9.42
CA VAL A 15 3.17 1.74 -8.38
C VAL A 15 4.00 0.75 -7.58
N ASN A 16 5.26 1.10 -7.33
CA ASN A 16 6.16 0.25 -6.57
C ASN A 16 6.91 1.05 -5.51
N HIS A 17 6.31 2.15 -5.06
CA HIS A 17 6.92 2.99 -4.05
C HIS A 17 6.44 2.63 -2.66
N SER A 18 6.46 1.34 -2.35
CA SER A 18 6.01 0.85 -1.04
C SER A 18 6.58 -0.53 -0.77
N ALA A 19 7.61 -0.59 0.08
CA ALA A 19 8.24 -1.85 0.44
C ALA A 19 7.38 -2.64 1.42
N CYS A 20 6.82 -1.94 2.40
CA CYS A 20 5.97 -2.57 3.41
C CYS A 20 4.81 -3.32 2.75
N ALA A 21 4.26 -2.72 1.70
CA ALA A 21 3.14 -3.32 0.99
C ALA A 21 3.54 -4.66 0.38
N LEU A 22 4.39 -4.61 -0.64
CA LEU A 22 4.85 -5.82 -1.32
C LEU A 22 5.40 -6.82 -0.31
N HIS A 23 6.04 -6.31 0.74
CA HIS A 23 6.62 -7.17 1.77
C HIS A 23 5.53 -7.96 2.49
N CYS A 24 4.58 -7.25 3.10
CA CYS A 24 3.49 -7.89 3.82
C CYS A 24 2.72 -8.85 2.90
N ILE A 25 2.45 -8.41 1.68
CA ILE A 25 1.74 -9.23 0.71
C ILE A 25 2.48 -10.54 0.44
N ALA A 26 3.63 -10.44 -0.21
CA ALA A 26 4.44 -11.60 -0.53
C ALA A 26 4.68 -12.45 0.71
N LEU A 27 4.73 -11.79 1.87
CA LEU A 27 4.96 -12.48 3.13
C LEU A 27 3.77 -13.35 3.51
N ARG A 28 2.71 -12.70 4.00
CA ARG A 28 1.50 -13.41 4.39
C ARG A 28 0.28 -12.50 4.25
N LYS A 29 0.16 -11.85 3.10
CA LYS A 29 -0.97 -10.97 2.84
C LYS A 29 -1.26 -10.89 1.34
N LYS A 30 -2.27 -10.11 0.98
CA LYS A 30 -2.66 -9.94 -0.41
C LYS A 30 -2.84 -8.47 -0.76
N GLY A 31 -3.68 -7.78 0.00
CA GLY A 31 -3.92 -6.38 -0.24
C GLY A 31 -3.29 -5.48 0.82
N GLY A 32 -3.50 -4.18 0.69
CA GLY A 32 -2.94 -3.24 1.65
C GLY A 32 -3.57 -1.87 1.54
N SER A 33 -3.42 -1.07 2.60
CA SER A 33 -3.98 0.28 2.63
C SER A 33 -3.25 1.15 3.64
N CYS A 34 -3.53 2.45 3.61
CA CYS A 34 -2.89 3.39 4.52
C CYS A 34 -3.89 3.88 5.57
N GLN A 35 -3.43 3.95 6.82
CA GLN A 35 -4.27 4.40 7.91
C GLN A 35 -3.63 5.57 8.65
N ASN A 36 -4.21 6.76 8.49
CA ASN A 36 -3.69 7.96 9.15
C ASN A 36 -2.21 8.15 8.83
N GLY A 37 -1.80 7.66 7.67
CA GLY A 37 -0.41 7.80 7.27
C GLY A 37 0.43 6.60 7.68
N VAL A 38 -0.23 5.49 7.99
CA VAL A 38 0.47 4.28 8.41
C VAL A 38 0.23 3.15 7.41
N CYS A 39 1.32 2.48 7.01
CA CYS A 39 1.24 1.38 6.06
C CYS A 39 0.72 0.12 6.73
N VAL A 40 -0.54 -0.22 6.45
CA VAL A 40 -1.14 -1.41 7.03
C VAL A 40 -1.64 -2.36 5.94
N CYS A 41 -1.15 -3.59 5.97
CA CYS A 41 -1.54 -4.59 4.98
C CYS A 41 -2.79 -5.34 5.44
N ARG A 42 -3.48 -5.97 4.49
CA ARG A 42 -4.69 -6.72 4.80
C ARG A 42 -4.92 -7.83 3.77
N ASN A 43 -5.74 -8.80 4.13
CA ASN A 43 -6.04 -9.92 3.24
C ASN A 43 -7.28 -9.62 2.39
N VAL A 1 5.89 11.26 2.28
CA VAL A 1 4.56 10.69 2.11
C VAL A 1 4.65 9.22 1.70
N THR A 2 3.79 8.39 2.29
CA THR A 2 3.77 6.97 1.98
C THR A 2 2.35 6.49 1.69
N CYS A 3 1.38 7.01 2.45
CA CYS A 3 -0.01 6.64 2.27
C CYS A 3 -0.75 7.68 1.45
N ASP A 4 -0.06 8.27 0.47
CA ASP A 4 -0.65 9.28 -0.38
C ASP A 4 -0.77 8.77 -1.83
N VAL A 5 -0.86 7.46 -1.97
CA VAL A 5 -0.98 6.84 -3.29
C VAL A 5 -2.40 6.34 -3.53
N LEU A 6 -3.35 6.92 -2.81
CA LEU A 6 -4.76 6.53 -2.95
C LEU A 6 -5.23 6.67 -4.39
N SER A 7 -6.44 6.21 -4.66
CA SER A 7 -7.01 6.28 -6.00
C SER A 7 -7.42 7.72 -6.34
N PHE A 8 -6.44 8.51 -6.77
CA PHE A 8 -6.70 9.90 -7.13
C PHE A 8 -5.50 10.49 -7.89
N GLU A 9 -5.80 11.27 -8.93
CA GLU A 9 -4.75 11.89 -9.73
C GLU A 9 -3.79 10.84 -10.29
N ALA A 10 -4.29 9.63 -10.48
CA ALA A 10 -3.48 8.54 -11.00
C ALA A 10 -3.99 8.09 -12.37
N LYS A 11 -3.64 8.86 -13.40
CA LYS A 11 -4.06 8.54 -14.76
C LYS A 11 -2.87 8.57 -15.71
N GLY A 12 -2.23 7.42 -15.89
CA GLY A 12 -1.08 7.33 -16.77
C GLY A 12 0.23 7.37 -16.03
N ILE A 13 0.21 7.93 -14.82
CA ILE A 13 1.41 8.02 -14.00
C ILE A 13 1.70 6.70 -13.29
N ALA A 14 2.98 6.42 -13.08
CA ALA A 14 3.39 5.19 -12.42
C ALA A 14 3.21 5.30 -10.91
N VAL A 15 2.54 4.32 -10.32
CA VAL A 15 2.30 4.30 -8.88
C VAL A 15 3.51 3.78 -8.13
N ASN A 16 3.54 4.02 -6.82
CA ASN A 16 4.65 3.59 -5.99
C ASN A 16 4.15 2.76 -4.81
N HIS A 17 4.03 1.45 -5.01
CA HIS A 17 3.56 0.56 -3.97
C HIS A 17 4.55 0.51 -2.80
N SER A 18 4.04 0.20 -1.61
CA SER A 18 4.88 0.13 -0.41
C SER A 18 5.40 -1.28 -0.20
N ALA A 19 6.71 -1.41 -0.14
CA ALA A 19 7.34 -2.72 0.07
C ALA A 19 6.76 -3.42 1.29
N CYS A 20 6.35 -2.63 2.28
CA CYS A 20 5.78 -3.18 3.50
C CYS A 20 4.58 -4.08 3.19
N ALA A 21 3.67 -3.57 2.38
CA ALA A 21 2.48 -4.32 2.00
C ALA A 21 2.86 -5.66 1.36
N LEU A 22 3.57 -5.60 0.24
CA LEU A 22 3.99 -6.80 -0.47
C LEU A 22 4.72 -7.75 0.47
N HIS A 23 5.52 -7.19 1.38
CA HIS A 23 6.27 -8.00 2.33
C HIS A 23 5.32 -8.83 3.19
N CYS A 24 4.46 -8.16 3.94
CA CYS A 24 3.51 -8.84 4.82
C CYS A 24 2.73 -9.90 4.04
N ILE A 25 2.17 -9.49 2.91
CA ILE A 25 1.40 -10.41 2.07
C ILE A 25 2.19 -11.66 1.75
N ALA A 26 3.29 -11.49 1.02
CA ALA A 26 4.13 -12.61 0.64
C ALA A 26 4.57 -13.41 1.86
N LEU A 27 4.68 -12.73 3.01
CA LEU A 27 5.08 -13.38 4.25
C LEU A 27 4.03 -14.40 4.69
N ARG A 28 2.89 -13.89 5.15
CA ARG A 28 1.80 -14.76 5.62
C ARG A 28 0.47 -14.02 5.59
N LYS A 29 0.33 -13.10 4.63
CA LYS A 29 -0.90 -12.33 4.48
C LYS A 29 -1.40 -12.36 3.05
N LYS A 30 -2.51 -11.67 2.79
CA LYS A 30 -3.08 -11.61 1.46
C LYS A 30 -3.36 -10.17 1.04
N GLY A 31 -3.83 -9.37 1.99
CA GLY A 31 -4.12 -7.97 1.71
C GLY A 31 -3.17 -7.03 2.41
N GLY A 32 -3.16 -5.77 1.99
CA GLY A 32 -2.29 -4.78 2.59
C GLY A 32 -2.81 -3.37 2.42
N SER A 33 -2.47 -2.50 3.36
CA SER A 33 -2.91 -1.10 3.32
C SER A 33 -2.03 -0.22 4.20
N CYS A 34 -2.34 1.07 4.24
CA CYS A 34 -1.59 2.02 5.05
C CYS A 34 -2.52 2.84 5.93
N GLN A 35 -1.96 3.42 6.99
CA GLN A 35 -2.74 4.22 7.92
C GLN A 35 -1.84 4.92 8.94
N ASN A 36 -2.18 6.16 9.27
CA ASN A 36 -1.39 6.93 10.23
C ASN A 36 0.08 6.96 9.82
N GLY A 37 0.34 7.13 8.54
CA GLY A 37 1.70 7.18 8.05
C GLY A 37 2.46 5.90 8.34
N VAL A 38 1.74 4.83 8.62
CA VAL A 38 2.35 3.55 8.93
C VAL A 38 1.73 2.43 8.09
N CYS A 39 2.56 1.51 7.63
CA CYS A 39 2.09 0.39 6.82
C CYS A 39 1.37 -0.64 7.69
N VAL A 40 0.17 -1.04 7.26
CA VAL A 40 -0.61 -2.02 7.99
C VAL A 40 -0.96 -3.21 7.11
N CYS A 41 -1.12 -4.38 7.73
CA CYS A 41 -1.46 -5.60 7.01
C CYS A 41 -2.94 -5.92 7.15
N ARG A 42 -3.46 -6.68 6.20
CA ARG A 42 -4.87 -7.06 6.21
C ARG A 42 -5.10 -8.36 5.43
N ASN A 43 -6.25 -8.99 5.65
CA ASN A 43 -6.58 -10.23 4.97
C ASN A 43 -7.80 -10.05 4.07
N VAL A 1 6.47 3.29 5.05
CA VAL A 1 6.70 4.48 5.85
C VAL A 1 6.01 5.70 5.24
N THR A 2 4.91 5.46 4.54
CA THR A 2 4.16 6.54 3.90
C THR A 2 2.66 6.32 4.06
N CYS A 3 1.90 7.41 3.92
CA CYS A 3 0.45 7.34 4.05
C CYS A 3 -0.23 7.59 2.71
N ASP A 4 0.34 7.02 1.65
CA ASP A 4 -0.20 7.18 0.31
C ASP A 4 -0.60 5.82 -0.27
N VAL A 5 -1.85 5.43 -0.06
CA VAL A 5 -2.36 4.16 -0.56
C VAL A 5 -3.20 4.37 -1.82
N LEU A 6 -2.56 4.79 -2.90
CA LEU A 6 -3.24 5.02 -4.16
C LEU A 6 -2.58 4.22 -5.29
N SER A 7 -2.95 2.95 -5.41
CA SER A 7 -2.40 2.09 -6.45
C SER A 7 -3.48 1.69 -7.45
N PHE A 8 -4.50 2.53 -7.59
CA PHE A 8 -5.60 2.25 -8.51
C PHE A 8 -5.52 3.17 -9.72
N GLU A 9 -4.96 4.36 -9.52
CA GLU A 9 -4.84 5.33 -10.61
C GLU A 9 -3.68 4.95 -11.54
N ALA A 10 -3.80 3.79 -12.17
CA ALA A 10 -2.77 3.32 -13.09
C ALA A 10 -3.04 3.79 -14.51
N LYS A 11 -2.93 5.11 -14.73
CA LYS A 11 -3.17 5.68 -16.05
C LYS A 11 -2.05 6.63 -16.43
N GLY A 12 -0.81 6.13 -16.39
CA GLY A 12 0.34 6.93 -16.73
C GLY A 12 0.87 7.73 -15.56
N ILE A 13 0.58 7.26 -14.35
CA ILE A 13 1.03 7.94 -13.14
C ILE A 13 2.42 7.46 -12.73
N ALA A 14 3.22 8.39 -12.21
CA ALA A 14 4.57 8.06 -11.78
C ALA A 14 4.72 8.21 -10.27
N VAL A 15 4.32 7.18 -9.53
CA VAL A 15 4.41 7.19 -8.08
C VAL A 15 4.77 5.81 -7.53
N ASN A 16 5.70 5.79 -6.58
CA ASN A 16 6.14 4.54 -5.97
C ASN A 16 6.12 4.64 -4.45
N HIS A 17 4.93 4.76 -3.89
CA HIS A 17 4.78 4.86 -2.43
C HIS A 17 3.80 3.80 -1.92
N SER A 18 3.68 2.70 -2.65
CA SER A 18 2.78 1.62 -2.27
C SER A 18 3.54 0.29 -2.18
N ALA A 19 4.83 0.37 -1.89
CA ALA A 19 5.66 -0.82 -1.78
C ALA A 19 5.28 -1.64 -0.54
N CYS A 20 5.10 -0.96 0.59
CA CYS A 20 4.75 -1.61 1.83
C CYS A 20 3.49 -2.47 1.65
N ALA A 21 2.49 -1.90 0.98
CA ALA A 21 1.25 -2.61 0.74
C ALA A 21 1.48 -3.92 0.00
N LEU A 22 1.86 -3.82 -1.27
CA LEU A 22 2.12 -5.00 -2.09
C LEU A 22 3.10 -5.94 -1.39
N HIS A 23 4.00 -5.37 -0.59
CA HIS A 23 4.98 -6.16 0.14
C HIS A 23 4.30 -7.09 1.14
N CYS A 24 3.59 -6.50 2.10
CA CYS A 24 2.89 -7.28 3.12
C CYS A 24 1.92 -8.27 2.47
N ILE A 25 1.22 -7.82 1.44
CA ILE A 25 0.26 -8.67 0.74
C ILE A 25 0.94 -9.92 0.18
N ALA A 26 1.83 -9.72 -0.79
CA ALA A 26 2.55 -10.83 -1.40
C ALA A 26 3.29 -11.65 -0.35
N LEU A 27 3.70 -10.99 0.73
CA LEU A 27 4.42 -11.66 1.80
C LEU A 27 3.53 -12.67 2.51
N ARG A 28 2.59 -12.16 3.31
CA ARG A 28 1.67 -13.02 4.04
C ARG A 28 0.38 -12.28 4.38
N LYS A 29 -0.12 -11.53 3.41
CA LYS A 29 -1.35 -10.77 3.60
C LYS A 29 -2.14 -10.66 2.29
N LYS A 30 -3.17 -9.82 2.29
CA LYS A 30 -4.00 -9.63 1.11
C LYS A 30 -4.30 -8.14 0.89
N GLY A 31 -4.58 -7.44 1.98
CA GLY A 31 -4.88 -6.02 1.87
C GLY A 31 -4.03 -5.19 2.81
N GLY A 32 -4.08 -3.87 2.64
CA GLY A 32 -3.30 -2.98 3.49
C GLY A 32 -3.77 -1.54 3.38
N SER A 33 -3.53 -0.77 4.44
CA SER A 33 -3.94 0.64 4.47
C SER A 33 -3.05 1.43 5.41
N CYS A 34 -3.32 2.73 5.53
CA CYS A 34 -2.54 3.61 6.40
C CYS A 34 -3.32 3.94 7.66
N GLN A 35 -2.79 3.52 8.81
CA GLN A 35 -3.44 3.77 10.09
C GLN A 35 -2.55 4.63 10.99
N ASN A 36 -3.10 5.73 11.48
CA ASN A 36 -2.36 6.64 12.34
C ASN A 36 -1.07 7.09 11.68
N GLY A 37 -1.06 7.08 10.34
CA GLY A 37 0.12 7.50 9.61
C GLY A 37 1.15 6.40 9.48
N VAL A 38 0.69 5.15 9.61
CA VAL A 38 1.58 4.00 9.51
C VAL A 38 0.98 2.91 8.64
N CYS A 39 1.78 2.35 7.75
CA CYS A 39 1.33 1.29 6.86
C CYS A 39 0.96 0.04 7.64
N VAL A 40 -0.34 -0.21 7.78
CA VAL A 40 -0.82 -1.37 8.51
C VAL A 40 -1.30 -2.45 7.55
N CYS A 41 -0.98 -3.70 7.87
CA CYS A 41 -1.37 -4.83 7.04
C CYS A 41 -2.69 -5.43 7.52
N ARG A 42 -3.55 -5.80 6.58
CA ARG A 42 -4.85 -6.37 6.90
C ARG A 42 -5.17 -7.55 5.98
N ASN A 43 -5.86 -8.54 6.52
CA ASN A 43 -6.23 -9.72 5.76
C ASN A 43 -7.58 -9.52 5.06
#